data_7W9I
#
_entry.id   7W9I
#
_cell.length_a   1.00
_cell.length_b   1.00
_cell.length_c   1.00
_cell.angle_alpha   90.00
_cell.angle_beta   90.00
_cell.angle_gamma   90.00
#
_symmetry.space_group_name_H-M   'P 1'
#
loop_
_entity.id
_entity.type
_entity.pdbx_description
1 polymer 'Angiotensin-converting enzyme 2'
2 polymer 'Spike protein S1'
#
loop_
_entity_poly.entity_id
_entity_poly.type
_entity_poly.pdbx_seq_one_letter_code
_entity_poly.pdbx_strand_id
1 'polypeptide(L)'
;MHSSALLCCLVLLTGVRAQSTIEEQAKTFLDKFNHEAEDLFYQSSLASWNYNTNITEENVQNMNNAGDKWSAFLKEQSTL
AQMYPLQEIQNLTVKLQLQALQQNGSSVLSEDKSKRLNTILNTMSTIYSTGKVCNPDNPQECLLLEPGLNEIMANSLDYN
ERLWAWESWRSEVGKQLRPLYEEYVVLKNEMARANHYEDYGDYWRGDYEVNGVDGYDYSRGQLIEDVEHTFEEIKPLYEH
LHAYVRAKLMNAYPSYISPIGCLPAHLLGDMWGRFWTNLYSLTVPFGQKPNIDVTDAMVDQAWDAQRIFKEAEKFFVSVG
LPNMTQGFWENSMLTDPGNVQKAVCHPTAWDLGKGDFRILMCTKVTMDDFLTAHHEMGHIQYDMAYAAQPFLLRNGANEG
FHEAVGEIMSLSAATPKHLKSIGLLSPDFQEDNETEINFLLKQALTIVGTLPFTYMLEKWRWMVFKGEIPKDQWMKKWWE
MKREIVGVVEPVPHDETYCDPASLFHVSNDYSFIRYYTRTLYQFQFQEALCQAAKHEGPLHKCDISNSTEAGQKLFNMLR
LGKSEPWTLALENVVGAKNMNVRPLLNYFEPLFTWLKDQNKNSFVGWSTDWSPYADHHHHHHHHH
;
A
2 'polypeptide(L)'
;TNLCPFGEVFNATRFASVYAWNRKRISNCVADYSVLYNSASFSTFKCYGVSPTKLNDLCFTNVYADSFVIRGDEVRQIAP
GQTGKIADYNYKLPDDFTGCVIAWNSNNLDSKVGGNYNYRYRLFRKSNLKPFERDISTEIYQAGSKPCNGVEGFNCYFPL
QSYGFQPTNGVGYQPYRVVVLSFELLHAPATVCG
;
E
#
# COMPACT_ATOMS: atom_id res chain seq x y z
N SER A 20 -21.44 9.18 28.62
CA SER A 20 -21.47 8.35 29.82
C SER A 20 -21.57 6.87 29.44
N THR A 21 -21.35 6.58 28.18
CA THR A 21 -21.38 5.22 27.67
C THR A 21 -20.07 4.91 26.97
N ILE A 22 -19.82 3.61 26.78
CA ILE A 22 -18.51 3.14 26.32
C ILE A 22 -18.29 3.49 24.85
N GLU A 23 -19.36 3.52 24.06
CA GLU A 23 -19.21 3.91 22.66
C GLU A 23 -19.03 5.41 22.49
N GLU A 24 -19.32 6.20 23.53
CA GLU A 24 -19.01 7.64 23.47
C GLU A 24 -17.57 7.90 23.82
N GLN A 25 -17.02 7.16 24.80
CA GLN A 25 -15.62 7.29 25.16
C GLN A 25 -14.70 6.59 24.15
N ALA A 26 -15.23 5.68 23.34
CA ALA A 26 -14.39 5.01 22.35
C ALA A 26 -14.07 5.91 21.17
N LYS A 27 -15.09 6.64 20.67
CA LYS A 27 -14.83 7.59 19.59
C LYS A 27 -14.02 8.78 20.08
N THR A 28 -14.16 9.13 21.36
CA THR A 28 -13.36 10.21 21.93
C THR A 28 -11.90 9.81 22.04
N PHE A 29 -11.65 8.55 22.39
CA PHE A 29 -10.26 8.06 22.48
C PHE A 29 -9.61 7.96 21.12
N LEU A 30 -10.39 7.55 20.10
CA LEU A 30 -9.83 7.42 18.76
C LEU A 30 -9.60 8.76 18.10
N ASP A 31 -10.28 9.81 18.54
CA ASP A 31 -9.95 11.15 18.06
C ASP A 31 -8.64 11.64 18.64
N LYS A 32 -8.31 11.21 19.86
CA LYS A 32 -6.96 11.45 20.37
C LYS A 32 -5.94 10.60 19.66
N PHE A 33 -6.32 9.39 19.24
CA PHE A 33 -5.38 8.50 18.56
C PHE A 33 -5.11 8.99 17.13
N ASN A 34 -6.17 9.24 16.35
CA ASN A 34 -6.00 9.59 14.94
C ASN A 34 -5.36 10.95 14.73
N HIS A 35 -5.41 11.83 15.73
CA HIS A 35 -4.77 13.14 15.65
C HIS A 35 -3.43 13.17 16.37
N GLU A 36 -2.92 12.02 16.80
CA GLU A 36 -1.58 11.90 17.35
C GLU A 36 -0.76 10.82 16.65
N ALA A 37 -1.39 9.74 16.21
CA ALA A 37 -0.66 8.73 15.46
C ALA A 37 -0.34 9.21 14.05
N GLU A 38 -1.16 10.09 13.49
CA GLU A 38 -0.89 10.62 12.16
C GLU A 38 0.30 11.56 12.17
N ASP A 39 0.59 12.19 13.31
CA ASP A 39 1.76 13.04 13.42
C ASP A 39 3.02 12.26 13.77
N LEU A 40 2.88 10.99 14.14
CA LEU A 40 4.02 10.13 14.40
C LEU A 40 4.30 9.14 13.27
N PHE A 41 3.27 8.78 12.51
CA PHE A 41 3.48 7.91 11.34
C PHE A 41 4.16 8.67 10.21
N TYR A 42 3.92 9.98 10.12
CA TYR A 42 4.61 10.77 9.09
C TYR A 42 6.08 10.93 9.42
N GLN A 43 6.41 11.20 10.68
CA GLN A 43 7.80 11.35 11.06
C GLN A 43 8.54 10.02 11.15
N SER A 44 7.82 8.91 11.18
CA SER A 44 8.45 7.60 11.05
C SER A 44 8.57 7.13 9.61
N SER A 45 7.84 7.76 8.69
CA SER A 45 7.94 7.44 7.27
C SER A 45 8.84 8.41 6.52
N LEU A 46 8.85 9.68 6.91
CA LEU A 46 9.75 10.64 6.29
C LEU A 46 11.18 10.38 6.72
N ALA A 47 11.39 9.91 7.95
CA ALA A 47 12.72 9.50 8.37
C ALA A 47 13.13 8.17 7.76
N SER A 48 12.15 7.32 7.43
CA SER A 48 12.45 6.09 6.71
C SER A 48 12.66 6.35 5.22
N TRP A 49 12.08 7.43 4.70
CA TRP A 49 12.37 7.82 3.32
C TRP A 49 13.77 8.39 3.20
N ASN A 50 14.24 9.11 4.21
CA ASN A 50 15.58 9.69 4.17
C ASN A 50 16.68 8.63 4.27
N TYR A 51 16.35 7.45 4.79
CA TYR A 51 17.32 6.36 4.80
C TYR A 51 17.34 5.63 3.45
N ASN A 52 16.18 5.50 2.81
CA ASN A 52 16.10 4.80 1.54
C ASN A 52 16.70 5.60 0.39
N THR A 53 16.65 6.92 0.48
CA THR A 53 17.33 7.77 -0.50
C THR A 53 18.81 7.97 -0.17
N ASN A 54 19.14 8.09 1.12
CA ASN A 54 20.53 8.25 1.55
C ASN A 54 20.89 7.07 2.45
N ILE A 55 21.58 6.07 1.89
CA ILE A 55 22.15 5.00 2.70
C ILE A 55 23.42 5.58 3.34
N THR A 56 23.30 6.04 4.58
CA THR A 56 24.36 6.74 5.28
C THR A 56 24.29 6.30 6.74
N GLU A 57 25.44 6.35 7.43
CA GLU A 57 25.51 5.95 8.83
C GLU A 57 24.72 6.88 9.75
N GLU A 58 24.44 8.11 9.31
CA GLU A 58 23.61 9.01 10.11
C GLU A 58 22.13 8.71 9.95
N ASN A 59 21.67 8.48 8.71
CA ASN A 59 20.26 8.29 8.44
C ASN A 59 19.74 6.91 8.79
N VAL A 60 20.61 5.97 9.16
CA VAL A 60 20.12 4.65 9.56
C VAL A 60 19.61 4.70 11.00
N GLN A 61 20.09 5.65 11.79
CA GLN A 61 19.61 5.80 13.17
C GLN A 61 18.36 6.66 13.25
N ASN A 62 18.16 7.58 12.30
CA ASN A 62 16.97 8.43 12.33
C ASN A 62 15.72 7.66 11.99
N MET A 63 15.84 6.57 11.23
CA MET A 63 14.72 5.66 11.06
C MET A 63 14.58 4.68 12.20
N ASN A 64 15.57 4.63 13.11
CA ASN A 64 15.52 3.79 14.29
C ASN A 64 15.21 4.56 15.56
N ASN A 65 15.51 5.86 15.60
CA ASN A 65 15.11 6.66 16.76
C ASN A 65 13.68 7.15 16.60
N ALA A 66 13.34 7.73 15.44
CA ALA A 66 11.98 8.14 15.18
C ALA A 66 11.08 6.96 14.81
N GLY A 67 11.67 5.84 14.39
CA GLY A 67 10.89 4.63 14.18
C GLY A 67 10.53 3.94 15.47
N ASP A 68 11.34 4.15 16.53
CA ASP A 68 11.02 3.60 17.84
C ASP A 68 10.06 4.46 18.62
N LYS A 69 9.92 5.74 18.25
CA LYS A 69 8.93 6.59 18.91
C LYS A 69 7.51 6.19 18.52
N TRP A 70 7.32 5.68 17.31
CA TRP A 70 6.02 5.13 16.91
C TRP A 70 5.87 3.67 17.30
N SER A 71 6.98 2.93 17.39
CA SER A 71 6.90 1.55 17.86
C SER A 71 6.55 1.49 19.34
N ALA A 72 6.95 2.50 20.10
CA ALA A 72 6.56 2.61 21.51
C ALA A 72 5.24 3.33 21.69
N PHE A 73 4.80 4.11 20.70
CA PHE A 73 3.50 4.78 20.81
C PHE A 73 2.36 3.77 20.69
N LEU A 74 2.50 2.79 19.80
CA LEU A 74 1.47 1.77 19.63
C LEU A 74 1.41 0.78 20.79
N LYS A 75 2.34 0.84 21.73
CA LYS A 75 2.29 0.01 22.92
C LYS A 75 1.58 0.72 24.08
N GLU A 76 1.70 2.04 24.17
CA GLU A 76 0.95 2.78 25.19
C GLU A 76 -0.52 2.90 24.83
N GLN A 77 -0.86 2.95 23.54
CA GLN A 77 -2.26 3.01 23.14
C GLN A 77 -2.92 1.64 23.18
N SER A 78 -2.14 0.57 23.00
CA SER A 78 -2.71 -0.77 23.08
C SER A 78 -2.98 -1.19 24.52
N THR A 79 -2.38 -0.52 25.50
CA THR A 79 -2.71 -0.73 26.89
C THR A 79 -3.84 0.18 27.36
N LEU A 80 -4.13 1.24 26.61
CA LEU A 80 -5.26 2.11 26.93
C LEU A 80 -6.54 1.69 26.24
N ALA A 81 -6.45 1.16 25.02
CA ALA A 81 -7.63 0.76 24.26
C ALA A 81 -8.26 -0.52 24.78
N GLN A 82 -7.57 -1.30 25.60
CA GLN A 82 -8.13 -2.52 26.14
C GLN A 82 -9.03 -2.30 27.33
N MET A 83 -9.19 -1.06 27.78
CA MET A 83 -10.13 -0.73 28.83
C MET A 83 -11.54 -0.48 28.31
N TYR A 84 -11.73 -0.51 26.99
CA TYR A 84 -13.05 -0.40 26.38
C TYR A 84 -13.45 -1.76 25.84
N PRO A 85 -14.43 -2.43 26.46
CA PRO A 85 -14.78 -3.79 26.01
C PRO A 85 -15.50 -3.76 24.67
N LEU A 86 -15.16 -4.73 23.81
CA LEU A 86 -15.74 -4.81 22.48
C LEU A 86 -17.08 -5.50 22.46
N GLN A 87 -17.65 -5.85 23.61
CA GLN A 87 -19.00 -6.41 23.66
C GLN A 87 -20.07 -5.35 23.85
N GLU A 88 -19.67 -4.12 24.22
CA GLU A 88 -20.64 -3.07 24.53
C GLU A 88 -20.73 -2.01 23.44
N ILE A 89 -19.85 -2.03 22.46
CA ILE A 89 -19.89 -1.10 21.34
C ILE A 89 -20.69 -1.74 20.21
N GLN A 90 -21.65 -0.98 19.65
CA GLN A 90 -22.49 -1.47 18.57
C GLN A 90 -22.16 -0.86 17.22
N ASN A 91 -21.30 0.16 17.18
CA ASN A 91 -20.91 0.76 15.90
C ASN A 91 -19.78 -0.05 15.29
N LEU A 92 -19.99 -0.55 14.08
CA LEU A 92 -19.03 -1.45 13.45
C LEU A 92 -17.79 -0.73 12.94
N THR A 93 -17.83 0.60 12.81
CA THR A 93 -16.64 1.33 12.41
C THR A 93 -15.65 1.45 13.56
N VAL A 94 -16.16 1.67 14.78
CA VAL A 94 -15.30 1.75 15.95
C VAL A 94 -14.71 0.39 16.29
N LYS A 95 -15.47 -0.68 16.08
CA LYS A 95 -14.98 -2.02 16.40
C LYS A 95 -13.93 -2.50 15.42
N LEU A 96 -13.84 -1.91 14.23
CA LEU A 96 -12.77 -2.24 13.31
C LEU A 96 -11.46 -1.55 13.67
N GLN A 97 -11.54 -0.33 14.21
CA GLN A 97 -10.33 0.36 14.63
C GLN A 97 -9.84 -0.12 15.99
N LEU A 98 -10.74 -0.53 16.87
CA LEU A 98 -10.32 -1.02 18.17
C LEU A 98 -9.81 -2.46 18.13
N GLN A 99 -10.25 -3.25 17.16
CA GLN A 99 -9.71 -4.60 17.04
C GLN A 99 -8.28 -4.60 16.54
N ALA A 100 -7.92 -3.61 15.70
CA ALA A 100 -6.56 -3.46 15.24
C ALA A 100 -5.67 -2.76 16.25
N LEU A 101 -6.24 -2.25 17.34
CA LEU A 101 -5.48 -1.54 18.37
C LEU A 101 -5.36 -2.29 19.67
N GLN A 102 -6.34 -3.15 20.00
CA GLN A 102 -6.30 -3.93 21.23
C GLN A 102 -5.48 -5.20 21.10
N GLN A 103 -4.97 -5.53 19.92
CA GLN A 103 -4.16 -6.72 19.75
C GLN A 103 -2.79 -6.48 20.38
N ASN A 104 -2.41 -7.34 21.33
CA ASN A 104 -1.17 -7.15 22.06
C ASN A 104 0.05 -7.45 21.21
N GLY A 105 -0.07 -8.40 20.28
CA GLY A 105 1.06 -8.80 19.46
C GLY A 105 2.07 -9.61 20.24
N SER A 106 3.33 -9.15 20.27
CA SER A 106 4.40 -9.83 20.98
C SER A 106 4.54 -9.37 22.43
N SER A 107 3.61 -8.55 22.93
CA SER A 107 3.66 -8.09 24.30
C SER A 107 3.22 -9.15 25.31
N VAL A 108 2.60 -10.24 24.85
CA VAL A 108 2.16 -11.30 25.75
C VAL A 108 3.30 -12.21 26.18
N LEU A 109 4.48 -12.08 25.58
CA LEU A 109 5.62 -12.89 25.98
C LEU A 109 6.32 -12.26 27.17
N SER A 110 7.29 -12.99 27.72
CA SER A 110 8.08 -12.50 28.84
C SER A 110 9.18 -11.59 28.33
N GLU A 111 10.08 -11.16 29.23
CA GLU A 111 11.19 -10.32 28.81
C GLU A 111 12.28 -11.12 28.11
N ASP A 112 12.45 -12.39 28.47
CA ASP A 112 13.44 -13.22 27.81
C ASP A 112 12.98 -13.61 26.41
N LYS A 113 11.69 -13.97 26.27
CA LYS A 113 11.20 -14.45 24.99
C LYS A 113 11.02 -13.33 23.98
N SER A 114 10.64 -12.12 24.43
CA SER A 114 10.53 -11.00 23.50
C SER A 114 11.90 -10.50 23.08
N LYS A 115 12.91 -10.65 23.94
CA LYS A 115 14.28 -10.31 23.56
C LYS A 115 14.90 -11.37 22.66
N ARG A 116 14.56 -12.64 22.88
CA ARG A 116 15.05 -13.70 22.00
C ARG A 116 14.40 -13.62 20.63
N LEU A 117 13.18 -13.09 20.55
CA LEU A 117 12.50 -12.96 19.26
C LEU A 117 13.12 -11.86 18.42
N ASN A 118 13.41 -10.70 19.02
CA ASN A 118 14.02 -9.61 18.28
C ASN A 118 15.48 -9.89 17.96
N THR A 119 16.15 -10.72 18.78
CA THR A 119 17.51 -11.13 18.46
C THR A 119 17.52 -12.09 17.28
N ILE A 120 16.53 -12.98 17.20
CA ILE A 120 16.45 -13.93 16.10
C ILE A 120 16.10 -13.23 14.79
N LEU A 121 15.11 -12.32 14.83
CA LEU A 121 14.66 -11.63 13.62
C LEU A 121 15.71 -10.69 13.06
N ASN A 122 16.55 -10.10 13.91
CA ASN A 122 17.66 -9.31 13.43
C ASN A 122 18.84 -10.17 12.97
N THR A 123 18.84 -11.46 13.31
CA THR A 123 19.88 -12.38 12.87
C THR A 123 19.43 -13.28 11.73
N MET A 124 18.14 -13.64 11.69
CA MET A 124 17.63 -14.47 10.61
C MET A 124 17.64 -13.73 9.28
N SER A 125 17.36 -12.42 9.31
CA SER A 125 17.47 -11.59 8.12
C SER A 125 18.92 -11.27 7.78
N THR A 126 19.86 -11.51 8.69
CA THR A 126 21.26 -11.20 8.45
C THR A 126 21.96 -12.31 7.67
N ILE A 127 21.74 -13.57 8.07
CA ILE A 127 22.38 -14.70 7.40
C ILE A 127 21.77 -14.92 6.02
N TYR A 128 20.52 -14.51 5.81
CA TYR A 128 19.93 -14.58 4.48
C TYR A 128 20.59 -13.56 3.55
N SER A 129 20.74 -12.33 4.00
CA SER A 129 21.27 -11.27 3.15
C SER A 129 22.78 -11.38 2.98
N THR A 130 23.50 -11.68 4.07
CA THR A 130 24.96 -11.68 4.06
C THR A 130 25.52 -13.11 4.01
N GLY A 131 24.89 -13.97 3.22
CA GLY A 131 25.42 -15.30 2.99
C GLY A 131 26.09 -15.38 1.64
N LYS A 132 27.41 -15.58 1.65
CA LYS A 132 28.24 -15.51 0.46
C LYS A 132 28.60 -16.91 -0.02
N VAL A 133 28.69 -17.08 -1.33
CA VAL A 133 28.94 -18.37 -1.96
C VAL A 133 30.28 -18.31 -2.69
N CYS A 134 31.22 -19.15 -2.27
CA CYS A 134 32.48 -19.33 -2.98
C CYS A 134 32.82 -20.81 -3.06
N ASN A 135 33.60 -21.13 -4.08
CA ASN A 135 34.26 -22.42 -4.17
C ASN A 135 35.61 -22.30 -3.47
N PRO A 136 35.89 -23.10 -2.43
CA PRO A 136 37.20 -23.01 -1.76
C PRO A 136 38.35 -23.62 -2.55
N ASP A 137 38.11 -24.17 -3.74
CA ASP A 137 39.15 -24.77 -4.55
C ASP A 137 39.47 -23.97 -5.81
N ASN A 138 38.54 -23.14 -6.28
CA ASN A 138 38.75 -22.31 -7.46
C ASN A 138 38.64 -20.83 -7.10
N PRO A 139 39.56 -20.00 -7.60
CA PRO A 139 39.48 -18.56 -7.28
C PRO A 139 38.47 -17.79 -8.10
N GLN A 140 38.07 -18.30 -9.27
CA GLN A 140 37.17 -17.52 -10.12
C GLN A 140 35.72 -17.64 -9.66
N GLU A 141 35.40 -18.68 -8.91
CA GLU A 141 34.01 -18.96 -8.52
C GLU A 141 33.68 -18.26 -7.19
N CYS A 142 33.58 -16.94 -7.27
CA CYS A 142 33.02 -16.08 -6.23
C CYS A 142 32.25 -14.94 -6.86
N LEU A 143 31.07 -14.69 -6.31
CA LEU A 143 30.15 -13.71 -6.87
C LEU A 143 29.20 -13.28 -5.76
N LEU A 144 28.54 -12.14 -5.98
CA LEU A 144 27.60 -11.59 -5.01
C LEU A 144 26.22 -12.22 -5.21
N LEU A 145 25.19 -11.61 -4.64
CA LEU A 145 23.84 -12.15 -4.77
C LEU A 145 23.08 -11.50 -5.94
N GLU A 146 22.90 -10.18 -5.89
CA GLU A 146 22.29 -9.43 -6.98
C GLU A 146 23.23 -8.28 -7.31
N PRO A 147 23.71 -8.16 -8.56
CA PRO A 147 23.44 -8.99 -9.74
C PRO A 147 24.42 -10.15 -9.91
N GLY A 148 24.65 -10.90 -8.85
CA GLY A 148 25.58 -12.01 -8.79
C GLY A 148 24.84 -13.33 -8.91
N LEU A 149 24.52 -13.96 -7.77
CA LEU A 149 23.88 -15.27 -7.74
C LEU A 149 22.50 -15.29 -8.39
N ASN A 150 21.84 -14.14 -8.54
CA ASN A 150 20.60 -14.09 -9.28
C ASN A 150 20.81 -14.22 -10.78
N GLU A 151 22.01 -13.89 -11.28
CA GLU A 151 22.31 -13.96 -12.71
C GLU A 151 22.62 -15.40 -13.15
N ILE A 152 23.36 -16.15 -12.34
CA ILE A 152 23.77 -17.50 -12.73
C ILE A 152 22.59 -18.47 -12.68
N MET A 153 21.63 -18.24 -11.79
CA MET A 153 20.46 -19.11 -11.69
C MET A 153 19.37 -18.77 -12.68
N ALA A 154 19.56 -17.73 -13.50
CA ALA A 154 18.53 -17.27 -14.43
C ALA A 154 18.91 -17.47 -15.89
N ASN A 155 20.09 -17.00 -16.30
CA ASN A 155 20.47 -17.01 -17.71
C ASN A 155 21.69 -17.89 -17.97
N SER A 156 21.69 -19.09 -17.39
CA SER A 156 22.69 -20.10 -17.69
C SER A 156 22.03 -21.28 -18.37
N LEU A 157 22.79 -21.93 -19.25
CA LEU A 157 22.30 -23.08 -20.00
C LEU A 157 23.00 -24.38 -19.62
N ASP A 158 23.66 -24.43 -18.47
CA ASP A 158 24.32 -25.63 -18.02
C ASP A 158 23.58 -26.25 -16.84
N TYR A 159 23.93 -27.49 -16.53
CA TYR A 159 23.30 -28.20 -15.43
C TYR A 159 24.09 -28.04 -14.13
N ASN A 160 25.40 -28.31 -14.18
CA ASN A 160 26.23 -28.19 -12.98
C ASN A 160 26.54 -26.74 -12.62
N GLU A 161 26.43 -25.82 -13.57
CA GLU A 161 26.61 -24.40 -13.23
C GLU A 161 25.41 -23.87 -12.45
N ARG A 162 24.23 -24.46 -12.66
CA ARG A 162 23.06 -24.12 -11.87
C ARG A 162 22.98 -24.93 -10.58
N LEU A 163 23.47 -26.17 -10.61
CA LEU A 163 23.45 -27.03 -9.42
C LEU A 163 24.41 -26.51 -8.36
N TRP A 164 25.53 -25.91 -8.77
CA TRP A 164 26.46 -25.33 -7.81
C TRP A 164 25.87 -24.09 -7.14
N ALA A 165 25.10 -23.31 -7.89
CA ALA A 165 24.46 -22.12 -7.33
C ALA A 165 23.19 -22.43 -6.56
N TRP A 166 22.77 -23.69 -6.51
CA TRP A 166 21.57 -24.12 -5.80
C TRP A 166 21.86 -24.97 -4.58
N GLU A 167 22.79 -25.92 -4.67
CA GLU A 167 23.13 -26.71 -3.50
C GLU A 167 24.06 -25.95 -2.56
N SER A 168 25.06 -25.25 -3.10
CA SER A 168 25.98 -24.52 -2.25
C SER A 168 25.43 -23.16 -1.81
N TRP A 169 24.23 -22.79 -2.25
CA TRP A 169 23.58 -21.62 -1.67
C TRP A 169 22.85 -21.99 -0.38
N ARG A 170 22.27 -23.17 -0.33
CA ARG A 170 21.65 -23.69 0.88
C ARG A 170 22.59 -24.57 1.70
N SER A 171 23.86 -24.62 1.34
CA SER A 171 24.85 -25.31 2.16
C SER A 171 25.30 -24.46 3.34
N GLU A 172 25.13 -23.15 3.28
CA GLU A 172 25.40 -22.28 4.41
C GLU A 172 24.20 -21.47 4.86
N VAL A 173 23.37 -20.97 3.93
CA VAL A 173 22.18 -20.24 4.33
C VAL A 173 21.07 -21.21 4.76
N GLY A 174 20.99 -22.37 4.12
CA GLY A 174 20.06 -23.39 4.54
C GLY A 174 20.51 -24.26 5.68
N LYS A 175 21.66 -23.96 6.28
CA LYS A 175 22.14 -24.70 7.43
C LYS A 175 22.30 -23.83 8.68
N GLN A 176 22.67 -22.56 8.52
CA GLN A 176 22.70 -21.63 9.64
C GLN A 176 21.37 -20.92 9.84
N LEU A 177 20.30 -21.39 9.22
CA LEU A 177 18.95 -20.92 9.49
C LEU A 177 18.03 -22.03 9.96
N ARG A 178 18.54 -23.25 10.13
CA ARG A 178 17.73 -24.34 10.65
C ARG A 178 17.51 -24.26 12.17
N PRO A 179 18.53 -24.12 13.05
CA PRO A 179 18.20 -24.07 14.48
C PRO A 179 17.59 -22.74 14.91
N LEU A 180 17.73 -21.68 14.11
CA LEU A 180 17.07 -20.43 14.42
C LEU A 180 15.58 -20.49 14.08
N TYR A 181 15.23 -21.10 12.95
CA TYR A 181 13.82 -21.26 12.58
C TYR A 181 13.14 -22.35 13.41
N GLU A 182 13.90 -23.27 13.99
CA GLU A 182 13.31 -24.25 14.89
C GLU A 182 12.84 -23.60 16.18
N GLU A 183 13.62 -22.66 16.71
CA GLU A 183 13.19 -21.88 17.87
C GLU A 183 12.19 -20.81 17.48
N TYR A 184 12.13 -20.42 16.21
CA TYR A 184 11.13 -19.46 15.76
C TYR A 184 9.74 -20.06 15.69
N VAL A 185 9.61 -21.37 15.64
CA VAL A 185 8.29 -22.00 15.65
C VAL A 185 7.68 -21.96 17.03
N VAL A 186 8.46 -22.32 18.05
CA VAL A 186 7.93 -22.34 19.42
C VAL A 186 7.83 -20.95 20.03
N LEU A 187 8.54 -19.96 19.47
CA LEU A 187 8.43 -18.61 20.01
C LEU A 187 7.18 -17.90 19.51
N LYS A 188 6.87 -18.01 18.22
CA LYS A 188 5.70 -17.35 17.66
C LYS A 188 4.42 -18.13 17.87
N ASN A 189 4.50 -19.38 18.34
CA ASN A 189 3.29 -20.10 18.71
C ASN A 189 2.77 -19.64 20.06
N GLU A 190 3.68 -19.32 21.00
CA GLU A 190 3.28 -18.73 22.27
C GLU A 190 2.87 -17.28 22.11
N MET A 191 3.31 -16.61 21.04
CA MET A 191 2.83 -15.26 20.74
C MET A 191 1.38 -15.29 20.28
N ALA A 192 0.93 -16.39 19.68
CA ALA A 192 -0.42 -16.48 19.18
C ALA A 192 -1.35 -17.32 20.06
N ARG A 193 -0.81 -18.20 20.90
CA ARG A 193 -1.67 -18.95 21.80
C ARG A 193 -2.17 -18.10 22.96
N ALA A 194 -1.40 -17.08 23.34
CA ALA A 194 -1.83 -16.15 24.38
C ALA A 194 -2.66 -15.00 23.82
N ASN A 195 -2.78 -14.88 22.51
CA ASN A 195 -3.64 -13.90 21.87
C ASN A 195 -4.99 -14.49 21.48
N HIS A 196 -5.37 -15.61 22.10
CA HIS A 196 -6.64 -16.32 21.89
C HIS A 196 -6.83 -16.78 20.45
N TYR A 197 -5.73 -17.01 19.74
CA TYR A 197 -5.75 -17.73 18.48
C TYR A 197 -5.36 -19.18 18.72
N GLU A 198 -5.59 -20.03 17.72
CA GLU A 198 -5.23 -21.43 17.87
C GLU A 198 -3.73 -21.62 17.78
N ASP A 199 -3.14 -21.30 16.62
CA ASP A 199 -1.70 -21.37 16.41
C ASP A 199 -1.23 -20.07 15.79
N TYR A 200 0.03 -20.00 15.38
CA TYR A 200 0.48 -18.84 14.61
C TYR A 200 -0.01 -18.92 13.17
N GLY A 201 -0.28 -20.13 12.67
CA GLY A 201 -0.86 -20.27 11.35
C GLY A 201 -2.28 -19.75 11.28
N ASP A 202 -2.99 -19.76 12.41
CA ASP A 202 -4.31 -19.15 12.51
C ASP A 202 -4.23 -17.65 12.78
N TYR A 203 -3.03 -17.13 13.06
CA TYR A 203 -2.85 -15.69 13.21
C TYR A 203 -2.66 -15.00 11.88
N TRP A 204 -2.08 -15.69 10.89
CA TRP A 204 -1.93 -15.10 9.57
C TRP A 204 -3.20 -15.17 8.75
N ARG A 205 -4.10 -16.08 9.08
CA ARG A 205 -5.43 -16.13 8.47
C ARG A 205 -6.43 -15.25 9.23
N GLY A 206 -5.96 -14.43 10.17
CA GLY A 206 -6.81 -13.47 10.82
C GLY A 206 -6.97 -12.16 10.09
N ASP A 207 -6.25 -11.99 8.97
CA ASP A 207 -6.44 -10.83 8.12
C ASP A 207 -7.68 -11.02 7.25
N TYR A 208 -7.96 -12.25 6.85
CA TYR A 208 -9.13 -12.58 6.05
C TYR A 208 -10.37 -12.85 6.89
N GLU A 209 -10.30 -12.60 8.20
CA GLU A 209 -11.42 -12.89 9.08
C GLU A 209 -12.40 -11.72 9.08
N VAL A 210 -13.69 -12.03 8.98
CA VAL A 210 -14.75 -11.03 9.06
C VAL A 210 -15.74 -11.50 10.10
N ASN A 211 -15.93 -10.68 11.14
CA ASN A 211 -16.91 -10.97 12.18
C ASN A 211 -17.73 -9.72 12.44
N GLY A 212 -18.96 -9.94 12.92
CA GLY A 212 -19.87 -8.86 13.25
C GLY A 212 -20.88 -8.51 12.17
N VAL A 213 -20.72 -9.03 10.97
CA VAL A 213 -21.64 -8.79 9.86
C VAL A 213 -22.43 -10.06 9.60
N ASP A 214 -23.74 -9.93 9.46
CA ASP A 214 -24.59 -11.09 9.23
C ASP A 214 -24.59 -11.45 7.75
N GLY A 215 -24.38 -12.73 7.45
CA GLY A 215 -24.35 -13.22 6.09
C GLY A 215 -22.99 -13.16 5.42
N TYR A 216 -22.10 -12.28 5.89
CA TYR A 216 -20.77 -12.11 5.32
C TYR A 216 -19.68 -12.58 6.27
N ASP A 217 -20.00 -13.53 7.14
CA ASP A 217 -19.03 -14.03 8.11
C ASP A 217 -18.01 -14.93 7.44
N TYR A 218 -16.75 -14.50 7.43
CA TYR A 218 -15.65 -15.26 6.85
C TYR A 218 -14.74 -15.71 7.99
N SER A 219 -14.69 -17.01 8.24
CA SER A 219 -13.88 -17.53 9.33
C SER A 219 -12.42 -17.65 8.91
N ARG A 220 -11.55 -17.78 9.91
CA ARG A 220 -10.13 -18.00 9.62
C ARG A 220 -9.89 -19.40 9.08
N GLY A 221 -10.73 -20.37 9.45
CA GLY A 221 -10.60 -21.72 8.94
C GLY A 221 -11.28 -21.95 7.62
N GLN A 222 -12.10 -21.01 7.15
CA GLN A 222 -12.67 -21.09 5.81
C GLN A 222 -11.73 -20.56 4.74
N LEU A 223 -10.58 -20.02 5.13
CA LEU A 223 -9.56 -19.69 4.14
C LEU A 223 -8.86 -20.93 3.63
N ILE A 224 -8.62 -21.90 4.52
CA ILE A 224 -8.07 -23.19 4.10
C ILE A 224 -9.09 -23.95 3.25
N GLU A 225 -10.37 -23.81 3.58
CA GLU A 225 -11.41 -24.45 2.79
C GLU A 225 -11.59 -23.78 1.43
N ASP A 226 -11.18 -22.52 1.28
CA ASP A 226 -11.28 -21.81 0.02
C ASP A 226 -10.02 -21.89 -0.82
N VAL A 227 -8.84 -21.92 -0.20
CA VAL A 227 -7.60 -21.96 -0.97
C VAL A 227 -7.40 -23.33 -1.62
N GLU A 228 -7.67 -24.40 -0.87
CA GLU A 228 -7.61 -25.74 -1.47
C GLU A 228 -8.80 -26.06 -2.35
N HIS A 229 -9.86 -25.25 -2.33
CA HIS A 229 -10.94 -25.41 -3.30
C HIS A 229 -10.68 -24.63 -4.58
N THR A 230 -9.94 -23.52 -4.50
CA THR A 230 -9.54 -22.81 -5.71
C THR A 230 -8.40 -23.51 -6.43
N PHE A 231 -7.68 -24.40 -5.76
CA PHE A 231 -6.61 -25.12 -6.41
C PHE A 231 -7.09 -26.36 -7.17
N GLU A 232 -8.32 -26.80 -6.92
CA GLU A 232 -8.85 -27.94 -7.66
C GLU A 232 -9.33 -27.56 -9.05
N GLU A 233 -9.36 -26.27 -9.37
CA GLU A 233 -9.68 -25.81 -10.72
C GLU A 233 -8.47 -25.28 -11.47
N ILE A 234 -7.45 -24.79 -10.77
CA ILE A 234 -6.24 -24.30 -11.43
C ILE A 234 -5.26 -25.42 -11.71
N LYS A 235 -5.47 -26.60 -11.15
CA LYS A 235 -4.61 -27.75 -11.39
C LYS A 235 -4.74 -28.40 -12.77
N PRO A 236 -5.92 -28.43 -13.44
CA PRO A 236 -5.90 -28.83 -14.86
C PRO A 236 -5.16 -27.85 -15.76
N LEU A 237 -5.09 -26.58 -15.40
CA LEU A 237 -4.34 -25.63 -16.23
C LEU A 237 -2.84 -25.76 -15.98
N TYR A 238 -2.43 -25.92 -14.73
CA TYR A 238 -1.01 -26.00 -14.41
C TYR A 238 -0.38 -27.30 -14.89
N GLU A 239 -1.15 -28.39 -14.92
CA GLU A 239 -0.63 -29.67 -15.37
C GLU A 239 -0.31 -29.67 -16.86
N HIS A 240 -0.94 -28.81 -17.64
CA HIS A 240 -0.60 -28.65 -19.05
C HIS A 240 0.50 -27.65 -19.27
N LEU A 241 0.62 -26.65 -18.39
CA LEU A 241 1.75 -25.73 -18.47
C LEU A 241 3.03 -26.40 -18.04
N HIS A 242 2.96 -27.29 -17.05
CA HIS A 242 4.13 -28.02 -16.62
C HIS A 242 4.55 -29.06 -17.64
N ALA A 243 3.59 -29.70 -18.30
CA ALA A 243 3.91 -30.72 -19.29
C ALA A 243 4.45 -30.12 -20.58
N TYR A 244 4.19 -28.85 -20.83
CA TYR A 244 4.77 -28.18 -21.99
C TYR A 244 6.15 -27.61 -21.69
N VAL A 245 6.36 -27.14 -20.46
CA VAL A 245 7.67 -26.64 -20.06
C VAL A 245 8.67 -27.78 -19.96
N ARG A 246 8.25 -28.91 -19.40
CA ARG A 246 9.11 -30.09 -19.31
C ARG A 246 9.44 -30.65 -20.68
N ALA A 247 8.47 -30.65 -21.60
CA ALA A 247 8.73 -31.17 -22.95
C ALA A 247 9.62 -30.24 -23.75
N LYS A 248 9.64 -28.95 -23.42
CA LYS A 248 10.56 -28.02 -24.05
C LYS A 248 11.93 -28.00 -23.40
N LEU A 249 12.05 -28.51 -22.17
CA LEU A 249 13.35 -28.66 -21.54
C LEU A 249 14.08 -29.92 -21.99
N MET A 250 13.43 -30.78 -22.76
CA MET A 250 14.10 -31.95 -23.32
C MET A 250 15.11 -31.55 -24.39
N ASN A 251 14.88 -30.44 -25.08
CA ASN A 251 15.80 -29.99 -26.12
C ASN A 251 17.02 -29.27 -25.55
N ALA A 252 16.95 -28.83 -24.30
CA ALA A 252 18.07 -28.16 -23.65
C ALA A 252 18.92 -29.09 -22.80
N TYR A 253 18.28 -29.98 -22.04
CA TYR A 253 18.98 -30.98 -21.23
C TYR A 253 18.42 -32.35 -21.61
N PRO A 254 18.92 -32.97 -22.69
CA PRO A 254 18.37 -34.26 -23.12
C PRO A 254 18.79 -35.44 -22.27
N SER A 255 19.85 -35.30 -21.47
CA SER A 255 20.37 -36.39 -20.66
C SER A 255 20.19 -36.15 -19.17
N TYR A 256 19.26 -35.28 -18.79
CA TYR A 256 19.06 -35.01 -17.37
C TYR A 256 17.61 -35.15 -16.92
N ILE A 257 16.64 -34.76 -17.76
CA ILE A 257 15.23 -34.78 -17.40
C ILE A 257 14.57 -35.98 -18.06
N SER A 258 13.83 -36.76 -17.28
CA SER A 258 13.00 -37.75 -17.94
C SER A 258 11.67 -37.12 -18.37
N PRO A 259 11.15 -37.47 -19.54
CA PRO A 259 9.87 -36.90 -19.99
C PRO A 259 8.64 -37.57 -19.41
N ILE A 260 8.78 -38.37 -18.35
CA ILE A 260 7.66 -39.02 -17.69
C ILE A 260 7.43 -38.46 -16.29
N GLY A 261 8.50 -38.31 -15.51
CA GLY A 261 8.40 -37.83 -14.15
C GLY A 261 8.29 -36.33 -14.03
N CYS A 262 9.04 -35.74 -13.10
CA CYS A 262 8.93 -34.35 -12.73
C CYS A 262 10.11 -33.55 -13.27
N LEU A 263 10.20 -32.26 -12.87
CA LEU A 263 11.27 -31.33 -13.21
C LEU A 263 12.29 -31.25 -12.07
N PRO A 264 13.56 -31.07 -12.41
CA PRO A 264 14.55 -30.71 -11.38
C PRO A 264 14.33 -29.30 -10.89
N ALA A 265 14.92 -29.01 -9.74
CA ALA A 265 14.57 -27.79 -9.01
C ALA A 265 15.23 -26.55 -9.58
N HIS A 266 16.50 -26.65 -9.98
CA HIS A 266 17.29 -25.48 -10.34
C HIS A 266 17.14 -25.09 -11.80
N LEU A 267 16.13 -25.59 -12.51
CA LEU A 267 15.89 -25.24 -13.90
C LEU A 267 14.59 -24.47 -14.08
N LEU A 268 14.03 -23.92 -13.02
CA LEU A 268 12.76 -23.21 -13.10
C LEU A 268 12.91 -21.70 -13.27
N GLY A 269 14.11 -21.17 -13.09
CA GLY A 269 14.31 -19.76 -13.38
C GLY A 269 15.10 -18.98 -12.35
N ASP A 270 14.99 -19.33 -11.08
CA ASP A 270 15.69 -18.58 -10.04
C ASP A 270 16.03 -19.54 -8.89
N MET A 271 16.36 -18.97 -7.73
CA MET A 271 16.98 -19.72 -6.66
C MET A 271 16.01 -20.70 -5.99
N TRP A 272 14.75 -20.33 -5.81
CA TRP A 272 13.77 -21.25 -5.25
C TRP A 272 12.85 -21.86 -6.28
N GLY A 273 12.51 -21.13 -7.34
CA GLY A 273 11.55 -21.59 -8.30
C GLY A 273 10.20 -20.94 -8.21
N ARG A 274 10.11 -19.75 -7.61
CA ARG A 274 8.83 -19.08 -7.40
C ARG A 274 8.23 -18.62 -8.72
N PHE A 275 8.94 -17.77 -9.44
CA PHE A 275 8.52 -17.33 -10.76
C PHE A 275 9.27 -18.10 -11.84
N TRP A 276 8.58 -18.38 -12.95
CA TRP A 276 9.17 -19.05 -14.09
C TRP A 276 9.45 -18.08 -15.24
N THR A 277 9.70 -16.82 -14.92
CA THR A 277 9.77 -15.76 -15.93
C THR A 277 11.00 -15.94 -16.83
N ASN A 278 12.10 -16.41 -16.26
CA ASN A 278 13.33 -16.61 -17.02
C ASN A 278 13.31 -17.89 -17.85
N LEU A 279 12.29 -18.74 -17.71
CA LEU A 279 12.13 -19.89 -18.58
C LEU A 279 11.38 -19.56 -19.87
N TYR A 280 10.95 -18.31 -20.05
CA TYR A 280 10.30 -17.96 -21.30
C TYR A 280 11.30 -17.87 -22.45
N SER A 281 12.53 -17.46 -22.16
CA SER A 281 13.55 -17.27 -23.20
C SER A 281 14.01 -18.56 -23.85
N LEU A 282 13.72 -19.72 -23.25
CA LEU A 282 14.10 -21.00 -23.82
C LEU A 282 12.90 -21.80 -24.31
N THR A 283 11.72 -21.55 -23.76
CA THR A 283 10.53 -22.31 -24.12
C THR A 283 9.50 -21.45 -24.84
N VAL A 284 9.93 -20.68 -25.83
CA VAL A 284 9.02 -19.84 -26.62
C VAL A 284 8.06 -20.72 -27.40
N PRO A 285 6.80 -20.32 -27.57
CA PRO A 285 5.89 -21.10 -28.42
C PRO A 285 6.28 -21.01 -29.89
N PHE A 286 6.48 -19.78 -30.37
CA PHE A 286 6.88 -19.53 -31.75
C PHE A 286 8.06 -18.57 -31.74
N GLY A 287 9.21 -19.03 -32.24
CA GLY A 287 10.43 -18.25 -32.21
C GLY A 287 10.62 -17.35 -33.40
N GLN A 288 9.94 -17.66 -34.51
CA GLN A 288 10.07 -16.86 -35.73
C GLN A 288 9.13 -15.66 -35.75
N LYS A 289 8.37 -15.42 -34.69
CA LYS A 289 7.45 -14.31 -34.63
C LYS A 289 8.09 -13.11 -33.94
N PRO A 290 7.76 -11.89 -34.38
CA PRO A 290 8.30 -10.70 -33.71
C PRO A 290 7.69 -10.53 -32.32
N ASN A 291 8.55 -10.48 -31.31
CA ASN A 291 8.10 -10.31 -29.94
C ASN A 291 7.66 -8.87 -29.74
N ILE A 292 6.64 -8.68 -28.93
CA ILE A 292 6.14 -7.33 -28.64
C ILE A 292 7.09 -6.64 -27.66
N ASP A 293 7.46 -5.41 -27.97
CA ASP A 293 8.49 -4.69 -27.23
C ASP A 293 8.41 -3.22 -27.57
N VAL A 294 8.60 -2.37 -26.56
CA VAL A 294 8.70 -0.93 -26.74
C VAL A 294 10.06 -0.40 -26.31
N THR A 295 11.02 -1.28 -26.03
CA THR A 295 12.34 -0.83 -25.61
C THR A 295 13.09 -0.18 -26.76
N ASP A 296 12.95 -0.72 -27.97
CA ASP A 296 13.51 -0.07 -29.15
C ASP A 296 12.60 1.01 -29.72
N ALA A 297 11.47 1.29 -29.08
CA ALA A 297 10.60 2.39 -29.45
C ALA A 297 10.55 3.49 -28.39
N MET A 298 11.29 3.33 -27.29
CA MET A 298 11.41 4.36 -26.27
C MET A 298 12.73 5.10 -26.32
N VAL A 299 13.80 4.45 -26.77
CA VAL A 299 15.09 5.13 -26.91
C VAL A 299 15.14 5.93 -28.21
N ASP A 300 14.52 5.43 -29.28
CA ASP A 300 14.49 6.17 -30.53
C ASP A 300 13.52 7.35 -30.50
N GLN A 301 12.51 7.31 -29.64
CA GLN A 301 11.61 8.43 -29.44
C GLN A 301 12.09 9.36 -28.32
N ALA A 302 13.24 9.05 -27.71
CA ALA A 302 13.88 9.84 -26.66
C ALA A 302 12.96 10.03 -25.45
N TRP A 303 12.62 8.91 -24.82
CA TRP A 303 11.84 8.94 -23.58
C TRP A 303 12.78 9.06 -22.39
N ASP A 304 12.31 9.74 -21.35
CA ASP A 304 13.10 9.89 -20.13
C ASP A 304 12.31 9.43 -18.91
N ALA A 305 12.84 9.70 -17.71
CA ALA A 305 12.20 9.22 -16.49
C ALA A 305 10.92 9.97 -16.16
N GLN A 306 10.70 11.13 -16.78
CA GLN A 306 9.46 11.87 -16.57
C GLN A 306 8.36 11.43 -17.52
N ARG A 307 8.72 11.09 -18.76
CA ARG A 307 7.71 10.74 -19.76
C ARG A 307 7.08 9.37 -19.51
N ILE A 308 7.77 8.49 -18.77
CA ILE A 308 7.17 7.22 -18.41
C ILE A 308 6.05 7.42 -17.40
N PHE A 309 6.25 8.36 -16.46
CA PHE A 309 5.22 8.65 -15.47
C PHE A 309 4.24 9.72 -15.93
N LYS A 310 4.58 10.51 -16.95
CA LYS A 310 3.59 11.39 -17.55
C LYS A 310 2.63 10.62 -18.43
N GLU A 311 3.07 9.48 -18.98
CA GLU A 311 2.20 8.60 -19.75
C GLU A 311 1.55 7.52 -18.89
N ALA A 312 2.07 7.30 -17.69
CA ALA A 312 1.38 6.44 -16.73
C ALA A 312 0.31 7.20 -15.97
N GLU A 313 0.42 8.53 -15.89
CA GLU A 313 -0.61 9.32 -15.23
C GLU A 313 -1.86 9.45 -16.09
N LYS A 314 -1.70 9.49 -17.42
CA LYS A 314 -2.83 9.60 -18.32
C LYS A 314 -3.64 8.32 -18.43
N PHE A 315 -3.13 7.20 -17.91
CA PHE A 315 -3.95 5.99 -17.83
C PHE A 315 -5.01 6.12 -16.74
N PHE A 316 -4.65 6.69 -15.60
CA PHE A 316 -5.57 6.77 -14.47
C PHE A 316 -6.50 7.98 -14.56
N VAL A 317 -6.09 9.03 -15.26
CA VAL A 317 -6.99 10.16 -15.49
C VAL A 317 -8.08 9.75 -16.47
N SER A 318 -7.74 8.91 -17.45
CA SER A 318 -8.69 8.50 -18.47
C SER A 318 -9.79 7.59 -17.94
N VAL A 319 -9.57 6.91 -16.81
CA VAL A 319 -10.63 6.08 -16.23
C VAL A 319 -11.44 6.82 -15.18
N GLY A 320 -11.01 8.01 -14.76
CA GLY A 320 -11.75 8.79 -13.79
C GLY A 320 -11.02 9.02 -12.48
N LEU A 321 -9.92 8.33 -12.22
CA LEU A 321 -9.15 8.56 -11.02
C LEU A 321 -8.40 9.89 -11.14
N PRO A 322 -8.20 10.62 -10.04
CA PRO A 322 -7.68 11.98 -10.12
C PRO A 322 -6.20 12.02 -10.48
N ASN A 323 -5.72 13.24 -10.72
CA ASN A 323 -4.33 13.50 -11.05
C ASN A 323 -3.45 13.27 -9.83
N MET A 324 -2.14 13.21 -10.08
CA MET A 324 -1.20 13.11 -8.98
C MET A 324 -1.05 14.47 -8.29
N THR A 325 -0.55 14.43 -7.06
CA THR A 325 -0.37 15.66 -6.31
C THR A 325 0.85 16.42 -6.83
N GLN A 326 0.94 17.70 -6.44
CA GLN A 326 2.11 18.49 -6.79
C GLN A 326 3.31 18.06 -5.96
N GLY A 327 3.09 17.58 -4.73
CA GLY A 327 4.16 17.00 -3.94
C GLY A 327 4.62 15.64 -4.39
N PHE A 328 3.91 15.02 -5.33
CA PHE A 328 4.36 13.76 -5.90
C PHE A 328 5.52 13.96 -6.86
N TRP A 329 5.59 15.10 -7.55
CA TRP A 329 6.58 15.30 -8.60
C TRP A 329 7.86 15.97 -8.11
N GLU A 330 7.83 16.66 -6.98
CA GLU A 330 9.02 17.33 -6.47
C GLU A 330 9.74 16.53 -5.39
N ASN A 331 9.08 15.59 -4.74
CA ASN A 331 9.68 14.86 -3.63
C ASN A 331 10.05 13.42 -3.97
N SER A 332 9.37 12.80 -4.93
CA SER A 332 9.66 11.41 -5.26
C SER A 332 10.95 11.31 -6.06
N MET A 333 11.66 10.21 -5.85
CA MET A 333 12.91 9.92 -6.55
C MET A 333 12.61 8.95 -7.69
N LEU A 334 12.92 9.37 -8.92
CA LEU A 334 12.71 8.54 -10.09
C LEU A 334 14.01 8.15 -10.79
N THR A 335 15.04 8.96 -10.70
CA THR A 335 16.33 8.71 -11.34
C THR A 335 17.38 8.42 -10.27
N ASP A 336 18.27 7.47 -10.55
CA ASP A 336 19.41 7.13 -9.71
C ASP A 336 20.31 8.36 -9.55
N PRO A 337 20.41 8.93 -8.34
CA PRO A 337 21.07 10.24 -8.16
C PRO A 337 22.60 10.15 -8.10
N GLY A 338 23.19 9.65 -9.18
CA GLY A 338 24.63 9.65 -9.33
C GLY A 338 25.33 8.66 -8.42
N ASN A 339 26.59 8.98 -8.11
CA ASN A 339 27.41 8.15 -7.25
C ASN A 339 27.72 8.80 -5.91
N VAL A 340 27.28 10.04 -5.70
CA VAL A 340 27.56 10.74 -4.44
C VAL A 340 26.69 10.22 -3.31
N GLN A 341 25.62 9.47 -3.62
CA GLN A 341 24.76 8.88 -2.61
C GLN A 341 24.22 7.57 -3.14
N LYS A 342 24.14 6.59 -2.24
CA LYS A 342 23.62 5.27 -2.58
C LYS A 342 22.20 5.15 -2.06
N ALA A 343 21.31 4.60 -2.88
CA ALA A 343 19.91 4.49 -2.54
C ALA A 343 19.42 3.10 -2.90
N VAL A 344 18.79 2.43 -1.94
CA VAL A 344 18.12 1.16 -2.23
C VAL A 344 16.87 1.51 -3.03
N CYS A 345 16.93 1.28 -4.34
CA CYS A 345 15.85 1.68 -5.23
C CYS A 345 15.14 0.46 -5.82
N HIS A 346 14.86 -0.53 -4.98
CA HIS A 346 13.81 -1.47 -5.28
C HIS A 346 12.49 -0.73 -5.36
N PRO A 347 11.62 -1.05 -6.32
CA PRO A 347 10.40 -0.25 -6.51
C PRO A 347 9.39 -0.43 -5.39
N THR A 348 9.27 0.59 -4.55
CA THR A 348 8.27 0.66 -3.48
C THR A 348 7.49 1.95 -3.65
N ALA A 349 6.17 1.86 -3.60
CA ALA A 349 5.30 3.03 -3.64
C ALA A 349 5.07 3.50 -2.21
N TRP A 350 5.38 4.77 -1.95
CA TRP A 350 5.43 5.29 -0.60
C TRP A 350 4.18 6.11 -0.29
N ASP A 351 3.46 5.71 0.74
CA ASP A 351 2.35 6.46 1.30
C ASP A 351 2.81 6.95 2.66
N LEU A 352 3.27 8.19 2.72
CA LEU A 352 3.83 8.74 3.95
C LEU A 352 2.78 9.26 4.91
N GLY A 353 1.53 9.38 4.47
CA GLY A 353 0.50 9.99 5.27
C GLY A 353 0.52 11.51 5.13
N LYS A 354 -0.53 12.13 5.68
CA LYS A 354 -0.76 13.57 5.65
C LYS A 354 -0.80 14.13 4.23
N GLY A 355 -1.36 13.35 3.31
CA GLY A 355 -1.51 13.79 1.94
C GLY A 355 -0.25 13.78 1.10
N ASP A 356 0.85 13.26 1.62
CA ASP A 356 2.11 13.20 0.88
C ASP A 356 2.30 11.80 0.32
N PHE A 357 2.35 11.71 -1.01
CA PHE A 357 2.45 10.44 -1.72
C PHE A 357 3.64 10.50 -2.66
N ARG A 358 4.64 9.66 -2.41
CA ARG A 358 5.85 9.62 -3.20
C ARG A 358 6.04 8.23 -3.80
N ILE A 359 7.14 8.05 -4.54
CA ILE A 359 7.47 6.77 -5.14
C ILE A 359 8.99 6.72 -5.28
N LEU A 360 9.56 5.52 -5.17
CA LEU A 360 11.01 5.36 -5.18
C LEU A 360 11.37 4.16 -6.04
N MET A 361 11.97 4.41 -7.20
CA MET A 361 12.45 3.33 -8.07
C MET A 361 13.51 3.89 -9.00
N CYS A 362 14.43 3.01 -9.40
CA CYS A 362 15.47 3.34 -10.38
C CYS A 362 14.92 3.02 -11.77
N THR A 363 14.41 4.04 -12.44
CA THR A 363 13.77 3.84 -13.74
C THR A 363 14.78 3.80 -14.86
N LYS A 364 14.50 2.96 -15.86
CA LYS A 364 15.27 2.92 -17.08
C LYS A 364 14.30 2.82 -18.25
N VAL A 365 14.83 3.02 -19.45
CA VAL A 365 13.98 3.05 -20.66
C VAL A 365 13.83 1.61 -21.14
N THR A 366 12.88 0.91 -20.54
CA THR A 366 12.56 -0.45 -20.94
C THR A 366 11.09 -0.71 -20.65
N MET A 367 10.57 -1.78 -21.24
CA MET A 367 9.17 -2.13 -21.04
C MET A 367 8.93 -2.69 -19.64
N ASP A 368 9.93 -3.33 -19.05
CA ASP A 368 9.76 -3.90 -17.72
C ASP A 368 9.72 -2.82 -16.64
N ASP A 369 10.22 -1.63 -16.93
CA ASP A 369 10.06 -0.48 -16.05
C ASP A 369 8.94 0.44 -16.49
N PHE A 370 8.34 0.19 -17.66
CA PHE A 370 7.15 0.94 -18.06
C PHE A 370 5.89 0.30 -17.52
N LEU A 371 5.86 -1.02 -17.43
CA LEU A 371 4.75 -1.71 -16.76
C LEU A 371 4.86 -1.62 -15.25
N THR A 372 6.09 -1.49 -14.73
CA THR A 372 6.26 -1.33 -13.29
C THR A 372 5.81 0.06 -12.84
N ALA A 373 6.00 1.07 -13.69
CA ALA A 373 5.51 2.41 -13.38
C ALA A 373 3.99 2.47 -13.37
N HIS A 374 3.32 1.60 -14.13
CA HIS A 374 1.87 1.44 -13.98
C HIS A 374 1.51 0.64 -12.75
N HIS A 375 2.41 -0.22 -12.30
CA HIS A 375 2.11 -1.06 -11.14
C HIS A 375 2.33 -0.32 -9.83
N GLU A 376 3.35 0.54 -9.76
CA GLU A 376 3.64 1.27 -8.54
C GLU A 376 3.01 2.64 -8.50
N MET A 377 2.24 3.02 -9.53
CA MET A 377 1.34 4.16 -9.42
C MET A 377 -0.09 3.73 -9.14
N GLY A 378 -0.44 2.48 -9.45
CA GLY A 378 -1.72 1.94 -9.02
C GLY A 378 -1.80 1.69 -7.53
N HIS A 379 -0.64 1.53 -6.88
CA HIS A 379 -0.63 1.51 -5.41
C HIS A 379 -0.92 2.89 -4.86
N ILE A 380 -0.39 3.93 -5.51
CA ILE A 380 -0.58 5.29 -5.02
C ILE A 380 -1.99 5.78 -5.29
N GLN A 381 -2.61 5.35 -6.41
CA GLN A 381 -4.02 5.66 -6.63
C GLN A 381 -4.93 4.86 -5.72
N TYR A 382 -4.43 3.85 -5.02
CA TYR A 382 -5.17 3.21 -3.95
C TYR A 382 -4.95 3.93 -2.62
N ASP A 383 -3.72 4.34 -2.32
CA ASP A 383 -3.45 5.08 -1.09
C ASP A 383 -4.04 6.48 -1.12
N MET A 384 -4.24 7.06 -2.30
CA MET A 384 -4.91 8.36 -2.39
C MET A 384 -6.42 8.23 -2.24
N ALA A 385 -6.97 7.03 -2.39
CA ALA A 385 -8.41 6.87 -2.39
C ALA A 385 -8.97 6.75 -0.97
N TYR A 386 -8.27 6.05 -0.09
CA TYR A 386 -8.73 5.93 1.30
C TYR A 386 -8.05 6.94 2.22
N ALA A 387 -7.66 8.10 1.70
CA ALA A 387 -7.08 9.13 2.55
C ALA A 387 -8.11 9.78 3.46
N ALA A 388 -9.40 9.69 3.11
CA ALA A 388 -10.46 10.24 3.95
C ALA A 388 -10.80 9.34 5.13
N GLN A 389 -10.32 8.11 5.15
CA GLN A 389 -10.58 7.17 6.22
C GLN A 389 -9.77 7.55 7.46
N PRO A 390 -10.16 7.06 8.64
CA PRO A 390 -9.31 7.20 9.83
C PRO A 390 -8.02 6.41 9.69
N PHE A 391 -7.13 6.63 10.66
CA PHE A 391 -5.75 6.16 10.54
C PHE A 391 -5.64 4.64 10.59
N LEU A 392 -6.49 3.98 11.36
CA LEU A 392 -6.42 2.53 11.45
C LEU A 392 -7.18 1.82 10.34
N LEU A 393 -7.86 2.55 9.47
CA LEU A 393 -8.56 1.96 8.33
C LEU A 393 -7.93 2.36 7.01
N ARG A 394 -6.69 2.87 7.03
CA ARG A 394 -6.01 3.27 5.81
C ARG A 394 -5.10 2.13 5.33
N ASN A 395 -5.75 1.09 4.82
CA ASN A 395 -5.06 -0.06 4.24
C ASN A 395 -6.04 -0.72 3.29
N GLY A 396 -5.58 -1.77 2.61
CA GLY A 396 -6.45 -2.54 1.76
C GLY A 396 -7.48 -3.33 2.55
N ALA A 397 -8.45 -3.87 1.82
CA ALA A 397 -9.52 -4.64 2.47
C ALA A 397 -8.99 -5.95 3.05
N ASN A 398 -8.00 -6.55 2.42
CA ASN A 398 -7.19 -7.59 3.04
C ASN A 398 -5.75 -7.39 2.59
N GLU A 399 -4.90 -8.38 2.85
CA GLU A 399 -3.48 -8.23 2.54
C GLU A 399 -3.19 -8.41 1.06
N GLY A 400 -3.93 -9.31 0.39
CA GLY A 400 -3.74 -9.53 -1.02
C GLY A 400 -4.71 -8.73 -1.86
N PHE A 401 -5.24 -7.66 -1.28
CA PHE A 401 -6.20 -6.77 -1.94
C PHE A 401 -5.54 -5.51 -2.45
N HIS A 402 -4.42 -5.12 -1.84
CA HIS A 402 -3.66 -3.95 -2.28
C HIS A 402 -2.80 -4.27 -3.49
N GLU A 403 -2.23 -5.47 -3.54
CA GLU A 403 -1.40 -5.89 -4.66
C GLU A 403 -2.21 -6.36 -5.86
N ALA A 404 -3.53 -6.52 -5.71
CA ALA A 404 -4.36 -6.90 -6.83
C ALA A 404 -4.79 -5.69 -7.64
N VAL A 405 -5.12 -4.58 -6.97
CA VAL A 405 -5.51 -3.35 -7.67
C VAL A 405 -4.31 -2.64 -8.28
N GLY A 406 -3.10 -3.02 -7.92
CA GLY A 406 -1.93 -2.40 -8.48
C GLY A 406 -1.47 -3.11 -9.72
N GLU A 407 -1.92 -4.35 -9.92
CA GLU A 407 -1.41 -5.17 -11.00
C GLU A 407 -2.43 -5.35 -12.13
N ILE A 408 -3.68 -4.93 -11.93
CA ILE A 408 -4.62 -4.89 -13.04
C ILE A 408 -4.26 -3.76 -14.01
N MET A 409 -3.49 -2.77 -13.55
CA MET A 409 -2.96 -1.75 -14.44
C MET A 409 -1.80 -2.28 -15.27
N SER A 410 -1.03 -3.22 -14.72
CA SER A 410 0.03 -3.85 -15.50
C SER A 410 -0.52 -4.81 -16.54
N LEU A 411 -1.70 -5.38 -16.28
CA LEU A 411 -2.34 -6.25 -17.26
C LEU A 411 -3.06 -5.46 -18.35
N SER A 412 -3.28 -4.16 -18.14
CA SER A 412 -3.93 -3.31 -19.12
C SER A 412 -2.95 -2.46 -19.91
N ALA A 413 -1.80 -2.14 -19.35
CA ALA A 413 -0.80 -1.33 -20.02
C ALA A 413 0.18 -2.15 -20.85
N ALA A 414 -0.02 -3.46 -20.95
CA ALA A 414 0.84 -4.31 -21.75
C ALA A 414 0.15 -4.84 -23.01
N THR A 415 -1.16 -4.63 -23.14
CA THR A 415 -1.87 -5.08 -24.31
C THR A 415 -1.53 -4.21 -25.51
N PRO A 416 -1.57 -4.77 -26.73
CA PRO A 416 -1.31 -3.94 -27.92
C PRO A 416 -2.42 -2.95 -28.25
N LYS A 417 -3.51 -2.89 -27.50
CA LYS A 417 -4.46 -1.80 -27.65
C LYS A 417 -4.00 -0.55 -26.92
N HIS A 418 -3.23 -0.71 -25.84
CA HIS A 418 -2.67 0.44 -25.13
C HIS A 418 -1.31 0.85 -25.67
N LEU A 419 -0.50 -0.11 -26.12
CA LEU A 419 0.80 0.23 -26.68
C LEU A 419 0.71 0.84 -28.07
N LYS A 420 -0.41 0.65 -28.77
CA LYS A 420 -0.64 1.35 -30.02
C LYS A 420 -1.38 2.66 -29.82
N SER A 421 -1.99 2.86 -28.66
CA SER A 421 -2.73 4.09 -28.40
C SER A 421 -1.82 5.24 -28.03
N ILE A 422 -0.66 4.95 -27.44
CA ILE A 422 0.27 6.00 -27.03
C ILE A 422 1.43 6.15 -28.02
N GLY A 423 1.30 5.59 -29.22
CA GLY A 423 2.31 5.75 -30.24
C GLY A 423 3.55 4.91 -30.05
N LEU A 424 3.59 4.05 -29.04
CA LEU A 424 4.77 3.23 -28.81
C LEU A 424 4.89 2.13 -29.85
N LEU A 425 3.88 1.28 -29.96
CA LEU A 425 3.92 0.17 -30.88
C LEU A 425 3.69 0.67 -32.31
N SER A 426 3.97 -0.20 -33.28
CA SER A 426 3.86 0.17 -34.68
C SER A 426 2.39 0.32 -35.08
N PRO A 427 2.08 1.25 -35.98
CA PRO A 427 0.68 1.40 -36.41
C PRO A 427 0.19 0.29 -37.32
N ASP A 428 1.09 -0.48 -37.92
CA ASP A 428 0.73 -1.62 -38.76
C ASP A 428 1.36 -2.91 -38.22
N PHE A 429 1.25 -3.11 -36.91
CA PHE A 429 1.73 -4.33 -36.27
C PHE A 429 0.61 -5.35 -36.28
N GLN A 430 0.83 -6.47 -36.98
CA GLN A 430 -0.19 -7.48 -37.14
C GLN A 430 -0.36 -8.29 -35.85
N GLU A 431 -1.60 -8.51 -35.47
CA GLU A 431 -1.96 -9.37 -34.34
C GLU A 431 -2.63 -10.63 -34.90
N ASP A 432 -2.06 -11.78 -34.61
CA ASP A 432 -2.56 -13.03 -35.18
C ASP A 432 -2.89 -14.03 -34.07
N ASN A 433 -3.15 -15.28 -34.45
CA ASN A 433 -3.33 -16.33 -33.45
C ASN A 433 -2.02 -16.64 -32.75
N GLU A 434 -0.90 -16.53 -33.45
CA GLU A 434 0.40 -16.92 -32.92
C GLU A 434 1.07 -15.81 -32.13
N THR A 435 0.46 -14.63 -32.06
CA THR A 435 0.98 -13.54 -31.23
C THR A 435 0.36 -13.55 -29.84
N GLU A 436 -0.95 -13.82 -29.75
CA GLU A 436 -1.64 -13.84 -28.47
C GLU A 436 -1.22 -15.00 -27.59
N ILE A 437 -0.68 -16.08 -28.17
CA ILE A 437 -0.16 -17.17 -27.35
C ILE A 437 1.17 -16.79 -26.74
N ASN A 438 2.06 -16.18 -27.53
CA ASN A 438 3.38 -15.80 -27.06
C ASN A 438 3.34 -14.73 -25.98
N PHE A 439 2.28 -13.92 -25.94
CA PHE A 439 2.08 -13.01 -24.83
C PHE A 439 1.52 -13.74 -23.61
N LEU A 440 0.69 -14.76 -23.83
CA LEU A 440 0.09 -15.47 -22.69
C LEU A 440 1.08 -16.42 -22.03
N LEU A 441 1.97 -17.05 -22.79
CA LEU A 441 2.96 -17.91 -22.17
C LEU A 441 4.02 -17.11 -21.42
N LYS A 442 4.25 -15.86 -21.80
CA LYS A 442 5.05 -14.98 -20.96
C LYS A 442 4.29 -14.65 -19.67
N GLN A 443 2.97 -14.60 -19.73
CA GLN A 443 2.15 -14.34 -18.56
C GLN A 443 1.80 -15.60 -17.78
N ALA A 444 1.78 -16.77 -18.42
CA ALA A 444 1.44 -17.99 -17.69
C ALA A 444 2.59 -18.47 -16.82
N LEU A 445 3.83 -18.19 -17.22
CA LEU A 445 4.97 -18.56 -16.40
C LEU A 445 5.15 -17.63 -15.20
N THR A 446 4.55 -16.45 -15.23
CA THR A 446 4.67 -15.49 -14.15
C THR A 446 3.47 -15.49 -13.21
N ILE A 447 2.30 -15.90 -13.69
CA ILE A 447 1.06 -15.84 -12.93
C ILE A 447 0.55 -17.23 -12.57
N VAL A 448 0.40 -18.09 -13.57
CA VAL A 448 -0.09 -19.45 -13.31
C VAL A 448 1.02 -20.30 -12.70
N GLY A 449 2.26 -20.12 -13.16
CA GLY A 449 3.35 -20.94 -12.66
C GLY A 449 3.74 -20.66 -11.22
N THR A 450 3.48 -19.44 -10.74
CA THR A 450 3.75 -19.12 -9.35
C THR A 450 2.60 -19.49 -8.42
N LEU A 451 1.47 -19.96 -8.96
CA LEU A 451 0.33 -20.27 -8.10
C LEU A 451 0.52 -21.55 -7.27
N PRO A 452 1.00 -22.68 -7.81
CA PRO A 452 1.26 -23.80 -6.90
C PRO A 452 2.45 -23.57 -5.98
N PHE A 453 3.40 -22.72 -6.38
CA PHE A 453 4.54 -22.43 -5.53
C PHE A 453 4.15 -21.50 -4.38
N THR A 454 3.16 -20.65 -4.58
CA THR A 454 2.69 -19.80 -3.51
C THR A 454 1.80 -20.58 -2.54
N TYR A 455 0.99 -21.49 -3.06
CA TYR A 455 0.07 -22.25 -2.22
C TYR A 455 0.79 -23.33 -1.42
N MET A 456 1.85 -23.92 -1.95
CA MET A 456 2.51 -25.01 -1.26
C MET A 456 3.35 -24.52 -0.08
N LEU A 457 4.02 -23.38 -0.22
CA LEU A 457 4.77 -22.81 0.89
C LEU A 457 3.84 -22.43 2.04
N GLU A 458 2.68 -21.84 1.72
CA GLU A 458 1.70 -21.56 2.77
C GLU A 458 0.98 -22.81 3.22
N LYS A 459 0.92 -23.86 2.40
CA LYS A 459 0.52 -25.16 2.91
C LYS A 459 1.56 -25.73 3.86
N TRP A 460 2.83 -25.36 3.64
CA TRP A 460 3.90 -25.84 4.51
C TRP A 460 3.95 -25.09 5.83
N ARG A 461 3.77 -23.77 5.81
CA ARG A 461 3.82 -23.00 7.04
C ARG A 461 2.61 -23.27 7.92
N TRP A 462 1.43 -23.45 7.31
CA TRP A 462 0.24 -23.74 8.10
C TRP A 462 0.25 -25.16 8.65
N MET A 463 1.09 -26.04 8.11
CA MET A 463 1.25 -27.38 8.65
C MET A 463 2.47 -27.54 9.54
N VAL A 464 3.34 -26.53 9.60
CA VAL A 464 4.43 -26.56 10.56
C VAL A 464 4.05 -25.80 11.84
N PHE A 465 3.05 -24.92 11.77
CA PHE A 465 2.56 -24.21 12.94
C PHE A 465 1.42 -24.94 13.63
N LYS A 466 0.71 -25.80 12.92
CA LYS A 466 -0.35 -26.60 13.52
C LYS A 466 0.17 -27.81 14.28
N GLY A 467 1.46 -28.06 14.24
CA GLY A 467 2.00 -29.26 14.88
C GLY A 467 1.67 -30.53 14.16
N GLU A 468 1.39 -30.47 12.86
CA GLU A 468 1.05 -31.66 12.09
C GLU A 468 2.27 -32.50 11.73
N ILE A 469 3.48 -31.98 11.94
CA ILE A 469 4.69 -32.76 11.68
C ILE A 469 5.52 -32.89 12.95
N PRO A 470 6.15 -34.02 13.19
CA PRO A 470 7.23 -34.08 14.19
C PRO A 470 8.55 -33.59 13.63
N LYS A 471 9.62 -33.76 14.40
CA LYS A 471 10.92 -33.21 14.03
C LYS A 471 11.63 -34.03 12.94
N ASP A 472 11.39 -35.34 12.91
CA ASP A 472 12.16 -36.20 12.01
C ASP A 472 11.72 -36.08 10.55
N GLN A 473 10.49 -35.65 10.29
CA GLN A 473 9.99 -35.42 8.94
C GLN A 473 9.86 -33.93 8.64
N TRP A 474 10.79 -33.14 9.19
CA TRP A 474 10.77 -31.69 8.98
C TRP A 474 11.19 -31.33 7.55
N MET A 475 12.16 -32.05 7.00
CA MET A 475 12.53 -31.81 5.61
C MET A 475 12.16 -32.97 4.70
N LYS A 476 11.54 -34.01 5.22
CA LYS A 476 11.01 -35.08 4.37
C LYS A 476 9.64 -34.72 3.83
N LYS A 477 8.83 -33.98 4.59
CA LYS A 477 7.50 -33.59 4.19
C LYS A 477 7.47 -32.25 3.48
N TRP A 478 8.62 -31.70 3.12
CA TRP A 478 8.68 -30.53 2.26
C TRP A 478 8.92 -30.92 0.81
N TRP A 479 9.88 -31.83 0.58
CA TRP A 479 10.09 -32.39 -0.74
C TRP A 479 9.07 -33.45 -1.10
N GLU A 480 8.30 -33.94 -0.13
CA GLU A 480 7.14 -34.75 -0.48
C GLU A 480 6.01 -33.90 -1.02
N MET A 481 5.99 -32.62 -0.71
CA MET A 481 5.00 -31.70 -1.25
C MET A 481 5.44 -31.04 -2.55
N LYS A 482 6.74 -30.85 -2.75
CA LYS A 482 7.20 -30.35 -4.04
C LYS A 482 7.07 -31.40 -5.13
N ARG A 483 7.17 -32.68 -4.77
CA ARG A 483 6.98 -33.73 -5.74
C ARG A 483 5.51 -34.10 -5.93
N GLU A 484 4.59 -33.41 -5.26
CA GLU A 484 3.18 -33.69 -5.36
C GLU A 484 2.35 -32.50 -5.83
N ILE A 485 2.72 -31.28 -5.43
CA ILE A 485 1.94 -30.10 -5.78
C ILE A 485 2.54 -29.39 -6.98
N VAL A 486 3.79 -28.94 -6.85
CA VAL A 486 4.43 -28.20 -7.94
C VAL A 486 5.15 -29.10 -8.93
N GLY A 487 5.30 -30.38 -8.63
CA GLY A 487 5.94 -31.31 -9.53
C GLY A 487 7.42 -31.08 -9.70
N VAL A 488 8.13 -30.89 -8.59
CA VAL A 488 9.55 -30.53 -8.60
C VAL A 488 10.29 -31.51 -7.70
N VAL A 489 11.28 -32.19 -8.26
CA VAL A 489 12.11 -33.08 -7.48
C VAL A 489 13.40 -32.35 -7.09
N GLU A 490 14.10 -32.90 -6.18
CA GLU A 490 15.43 -32.45 -5.80
C GLU A 490 16.48 -33.17 -6.65
N PRO A 491 17.57 -32.49 -7.00
CA PRO A 491 18.64 -33.19 -7.74
C PRO A 491 19.41 -34.17 -6.87
N VAL A 492 19.77 -33.78 -5.66
CA VAL A 492 20.42 -34.65 -4.68
C VAL A 492 19.64 -34.50 -3.38
N PRO A 493 19.52 -35.56 -2.57
CA PRO A 493 18.64 -35.48 -1.40
C PRO A 493 19.24 -34.65 -0.27
N HIS A 494 18.35 -33.96 0.44
CA HIS A 494 18.71 -33.15 1.59
C HIS A 494 18.26 -33.86 2.86
N ASP A 495 19.14 -33.92 3.86
CA ASP A 495 18.81 -34.55 5.12
C ASP A 495 18.04 -33.57 6.02
N GLU A 496 17.83 -33.95 7.28
CA GLU A 496 17.10 -33.09 8.19
C GLU A 496 17.94 -31.93 8.70
N THR A 497 19.27 -31.99 8.54
CA THR A 497 20.11 -30.87 8.94
C THR A 497 19.94 -29.67 8.01
N TYR A 498 19.52 -29.92 6.78
CA TYR A 498 19.21 -28.84 5.85
C TYR A 498 17.92 -28.13 6.27
N CYS A 499 17.73 -26.93 5.71
CA CYS A 499 16.44 -26.25 5.83
C CYS A 499 16.29 -25.38 4.58
N ASP A 500 15.58 -25.91 3.59
CA ASP A 500 15.39 -25.26 2.30
C ASP A 500 14.38 -24.09 2.25
N PRO A 501 13.21 -24.11 2.91
CA PRO A 501 12.31 -22.95 2.78
C PRO A 501 12.81 -21.68 3.45
N ALA A 502 13.72 -21.77 4.43
CA ALA A 502 14.21 -20.56 5.08
C ALA A 502 15.15 -19.74 4.20
N SER A 503 15.60 -20.28 3.07
CA SER A 503 16.41 -19.51 2.14
C SER A 503 15.61 -18.42 1.43
N LEU A 504 14.30 -18.57 1.33
CA LEU A 504 13.46 -17.58 0.69
C LEU A 504 13.35 -16.34 1.59
N PHE A 505 13.07 -15.19 0.97
CA PHE A 505 13.02 -13.93 1.69
C PHE A 505 11.84 -13.86 2.65
N HIS A 506 10.70 -14.39 2.26
CA HIS A 506 9.50 -14.23 3.07
C HIS A 506 9.44 -15.18 4.26
N VAL A 507 10.28 -16.21 4.29
CA VAL A 507 10.32 -17.12 5.43
C VAL A 507 11.31 -16.64 6.47
N SER A 508 12.46 -16.13 6.03
CA SER A 508 13.47 -15.64 6.97
C SER A 508 13.05 -14.32 7.61
N ASN A 509 12.58 -13.38 6.81
CA ASN A 509 12.11 -12.10 7.33
C ASN A 509 10.67 -12.17 7.83
N ASP A 510 10.05 -13.36 7.78
CA ASP A 510 8.74 -13.66 8.37
C ASP A 510 7.63 -12.77 7.82
N TYR A 511 7.41 -12.89 6.52
CA TYR A 511 6.31 -12.24 5.85
C TYR A 511 5.21 -13.26 5.59
N SER A 512 3.98 -12.77 5.48
CA SER A 512 2.89 -13.62 5.04
C SER A 512 3.04 -13.90 3.55
N PHE A 513 2.78 -15.14 3.14
CA PHE A 513 2.97 -15.51 1.75
C PHE A 513 1.67 -15.81 1.02
N ILE A 514 0.53 -15.92 1.72
CA ILE A 514 -0.75 -16.14 1.05
C ILE A 514 -1.27 -14.86 0.41
N ARG A 515 -0.65 -13.71 0.68
CA ARG A 515 -1.04 -12.47 0.02
C ARG A 515 -0.58 -12.45 -1.44
N TYR A 516 0.30 -13.37 -1.83
CA TYR A 516 0.68 -13.54 -3.22
C TYR A 516 -0.12 -14.62 -3.93
N TYR A 517 -0.97 -15.35 -3.22
CA TYR A 517 -1.89 -16.29 -3.84
C TYR A 517 -3.26 -15.66 -4.07
N THR A 518 -3.72 -14.82 -3.16
CA THR A 518 -5.02 -14.20 -3.34
C THR A 518 -4.98 -12.95 -4.20
N ARG A 519 -3.81 -12.34 -4.39
CA ARG A 519 -3.75 -11.23 -5.34
C ARG A 519 -3.87 -11.71 -6.78
N THR A 520 -3.55 -12.97 -7.04
CA THR A 520 -3.71 -13.51 -8.38
C THR A 520 -5.18 -13.78 -8.68
N LEU A 521 -5.88 -14.42 -7.75
CA LEU A 521 -7.30 -14.72 -7.96
C LEU A 521 -8.17 -13.47 -7.91
N TYR A 522 -7.69 -12.38 -7.32
CA TYR A 522 -8.45 -11.14 -7.30
C TYR A 522 -8.19 -10.27 -8.51
N GLN A 523 -6.98 -10.33 -9.08
CA GLN A 523 -6.64 -9.45 -10.20
C GLN A 523 -7.31 -9.87 -11.49
N PHE A 524 -7.87 -11.07 -11.57
CA PHE A 524 -8.68 -11.45 -12.71
C PHE A 524 -10.17 -11.36 -12.41
N GLN A 525 -10.57 -11.46 -11.15
CA GLN A 525 -11.92 -11.07 -10.76
C GLN A 525 -12.15 -9.58 -10.95
N PHE A 526 -11.11 -8.77 -10.75
CA PHE A 526 -11.24 -7.34 -10.97
C PHE A 526 -11.26 -7.01 -12.45
N GLN A 527 -10.38 -7.63 -13.24
CA GLN A 527 -10.25 -7.28 -14.64
C GLN A 527 -11.46 -7.75 -15.45
N GLU A 528 -12.06 -8.88 -15.08
CA GLU A 528 -13.31 -9.28 -15.73
C GLU A 528 -14.47 -8.40 -15.28
N ALA A 529 -14.35 -7.77 -14.11
CA ALA A 529 -15.36 -6.81 -13.68
C ALA A 529 -15.14 -5.43 -14.30
N LEU A 530 -13.89 -5.06 -14.58
CA LEU A 530 -13.60 -3.78 -15.20
C LEU A 530 -13.61 -3.83 -16.72
N CYS A 531 -13.62 -5.01 -17.32
CA CYS A 531 -13.79 -5.11 -18.77
C CYS A 531 -15.26 -5.30 -19.16
N GLN A 532 -16.06 -5.94 -18.30
CA GLN A 532 -17.49 -5.98 -18.55
C GLN A 532 -18.17 -4.67 -18.22
N ALA A 533 -17.54 -3.82 -17.41
CA ALA A 533 -18.04 -2.48 -17.20
C ALA A 533 -17.63 -1.54 -18.33
N ALA A 534 -16.48 -1.78 -18.94
CA ALA A 534 -16.01 -0.99 -20.07
C ALA A 534 -16.56 -1.46 -21.40
N LYS A 535 -17.46 -2.46 -21.38
CA LYS A 535 -18.17 -2.98 -22.55
C LYS A 535 -17.21 -3.49 -23.63
N HIS A 536 -16.45 -4.51 -23.26
CA HIS A 536 -15.51 -5.13 -24.19
C HIS A 536 -16.14 -6.35 -24.85
N GLU A 537 -15.84 -6.54 -26.13
CA GLU A 537 -16.33 -7.68 -26.90
C GLU A 537 -15.12 -8.40 -27.48
N GLY A 538 -14.73 -9.50 -26.85
CA GLY A 538 -13.57 -10.26 -27.26
C GLY A 538 -12.93 -10.99 -26.10
N PRO A 539 -11.74 -11.53 -26.30
CA PRO A 539 -11.03 -12.21 -25.21
C PRO A 539 -10.54 -11.21 -24.17
N LEU A 540 -10.26 -11.74 -22.98
CA LEU A 540 -9.95 -10.88 -21.85
C LEU A 540 -8.54 -10.30 -21.92
N HIS A 541 -7.61 -10.97 -22.60
CA HIS A 541 -6.23 -10.51 -22.58
C HIS A 541 -5.97 -9.37 -23.54
N LYS A 542 -6.85 -9.15 -24.52
CA LYS A 542 -6.74 -7.99 -25.40
C LYS A 542 -7.52 -6.80 -24.88
N CYS A 543 -8.16 -6.92 -23.72
CA CYS A 543 -9.03 -5.88 -23.21
C CYS A 543 -8.22 -4.73 -22.61
N ASP A 544 -8.92 -3.65 -22.30
CA ASP A 544 -8.31 -2.44 -21.79
C ASP A 544 -9.39 -1.65 -21.06
N ILE A 545 -9.01 -0.96 -19.99
CA ILE A 545 -9.96 -0.19 -19.21
C ILE A 545 -9.83 1.32 -19.42
N SER A 546 -8.79 1.79 -20.10
CA SER A 546 -8.60 3.21 -20.28
C SER A 546 -9.60 3.77 -21.28
N ASN A 547 -9.72 5.11 -21.26
CA ASN A 547 -10.71 5.87 -22.03
C ASN A 547 -12.13 5.39 -21.76
N SER A 548 -12.42 5.12 -20.48
CA SER A 548 -13.73 4.63 -20.07
C SER A 548 -13.93 5.01 -18.60
N THR A 549 -14.70 6.08 -18.38
CA THR A 549 -14.94 6.58 -17.03
C THR A 549 -15.89 5.69 -16.24
N GLU A 550 -16.75 4.92 -16.92
CA GLU A 550 -17.70 4.06 -16.24
C GLU A 550 -17.09 2.79 -15.69
N ALA A 551 -15.80 2.53 -15.93
CA ALA A 551 -15.10 1.40 -15.36
C ALA A 551 -14.19 1.79 -14.20
N GLY A 552 -13.52 2.93 -14.30
CA GLY A 552 -12.71 3.41 -13.19
C GLY A 552 -13.51 3.98 -12.05
N GLN A 553 -14.75 4.43 -12.32
CA GLN A 553 -15.64 4.83 -11.25
C GLN A 553 -16.28 3.62 -10.56
N LYS A 554 -16.30 2.46 -11.23
CA LYS A 554 -16.68 1.23 -10.56
C LYS A 554 -15.62 0.83 -9.54
N LEU A 555 -14.35 0.98 -9.90
CA LEU A 555 -13.27 0.58 -9.00
C LEU A 555 -13.09 1.58 -7.86
N PHE A 556 -13.32 2.86 -8.12
CA PHE A 556 -13.10 3.88 -7.09
C PHE A 556 -14.11 3.80 -5.96
N ASN A 557 -15.29 3.23 -6.21
CA ASN A 557 -16.23 2.97 -5.11
C ASN A 557 -15.77 1.83 -4.23
N MET A 558 -14.80 1.03 -4.68
CA MET A 558 -14.12 0.04 -3.85
C MET A 558 -12.78 0.53 -3.32
N LEU A 559 -12.06 1.34 -4.09
CA LEU A 559 -10.78 1.86 -3.63
C LEU A 559 -10.93 2.83 -2.47
N ARG A 560 -12.03 3.57 -2.43
CA ARG A 560 -12.25 4.56 -1.37
C ARG A 560 -12.73 3.95 -0.07
N LEU A 561 -13.08 2.67 -0.05
CA LEU A 561 -13.60 2.05 1.17
C LEU A 561 -12.49 1.82 2.17
N GLY A 562 -11.31 1.41 1.72
CA GLY A 562 -10.22 1.14 2.63
C GLY A 562 -10.49 -0.14 3.38
N LYS A 563 -10.28 -0.11 4.69
CA LYS A 563 -10.56 -1.25 5.56
C LYS A 563 -11.91 -1.11 6.26
N SER A 564 -12.64 -0.02 6.02
CA SER A 564 -13.87 0.25 6.73
C SER A 564 -14.99 -0.71 6.36
N GLU A 565 -14.90 -1.35 5.22
CA GLU A 565 -15.83 -2.40 4.86
C GLU A 565 -15.13 -3.75 4.87
N PRO A 566 -15.84 -4.84 5.13
CA PRO A 566 -15.23 -6.16 4.99
C PRO A 566 -14.92 -6.48 3.54
N TRP A 567 -13.94 -7.35 3.34
CA TRP A 567 -13.47 -7.62 1.98
C TRP A 567 -14.46 -8.46 1.18
N THR A 568 -15.43 -9.10 1.83
CA THR A 568 -16.48 -9.77 1.08
C THR A 568 -17.50 -8.79 0.52
N LEU A 569 -17.67 -7.63 1.16
CA LEU A 569 -18.51 -6.58 0.61
C LEU A 569 -17.76 -5.67 -0.34
N ALA A 570 -16.43 -5.64 -0.26
CA ALA A 570 -15.65 -4.89 -1.25
C ALA A 570 -15.53 -5.65 -2.56
N LEU A 571 -15.56 -6.99 -2.51
CA LEU A 571 -15.63 -7.76 -3.74
C LEU A 571 -17.01 -7.66 -4.38
N GLU A 572 -18.06 -7.57 -3.58
CA GLU A 572 -19.41 -7.41 -4.11
C GLU A 572 -19.65 -6.03 -4.70
N ASN A 573 -18.80 -5.04 -4.39
CA ASN A 573 -18.97 -3.72 -4.96
C ASN A 573 -18.56 -3.69 -6.42
N VAL A 574 -17.60 -4.52 -6.83
CA VAL A 574 -17.12 -4.51 -8.19
C VAL A 574 -17.49 -5.79 -8.97
N VAL A 575 -17.48 -6.95 -8.33
CA VAL A 575 -17.72 -8.21 -9.02
C VAL A 575 -19.15 -8.70 -8.85
N GLY A 576 -19.66 -8.69 -7.62
CA GLY A 576 -20.95 -9.25 -7.33
C GLY A 576 -20.93 -10.63 -6.71
N ALA A 577 -19.76 -11.13 -6.35
CA ALA A 577 -19.62 -12.44 -5.71
C ALA A 577 -18.77 -12.28 -4.45
N LYS A 578 -19.31 -12.71 -3.31
CA LYS A 578 -18.60 -12.58 -2.05
C LYS A 578 -17.45 -13.54 -1.92
N ASN A 579 -17.40 -14.58 -2.75
CA ASN A 579 -16.37 -15.61 -2.65
C ASN A 579 -15.12 -15.19 -3.41
N MET A 580 -14.13 -16.08 -3.42
CA MET A 580 -12.91 -15.91 -4.20
C MET A 580 -12.93 -16.96 -5.30
N ASN A 581 -13.11 -16.50 -6.54
CA ASN A 581 -13.45 -17.39 -7.64
C ASN A 581 -12.27 -17.61 -8.56
N VAL A 582 -12.33 -18.69 -9.32
CA VAL A 582 -11.26 -19.07 -10.24
C VAL A 582 -11.61 -18.69 -11.67
N ARG A 583 -12.86 -18.92 -12.07
CA ARG A 583 -13.38 -18.85 -13.44
C ARG A 583 -13.01 -17.64 -14.29
N PRO A 584 -12.76 -16.44 -13.74
CA PRO A 584 -12.12 -15.42 -14.58
C PRO A 584 -10.68 -15.74 -14.97
N LEU A 585 -9.90 -16.36 -14.07
CA LEU A 585 -8.52 -16.68 -14.40
C LEU A 585 -8.43 -17.80 -15.42
N LEU A 586 -9.37 -18.74 -15.41
CA LEU A 586 -9.42 -19.73 -16.48
C LEU A 586 -10.01 -19.17 -17.76
N ASN A 587 -10.77 -18.07 -17.68
CA ASN A 587 -11.25 -17.39 -18.87
C ASN A 587 -10.19 -16.48 -19.47
N TYR A 588 -9.20 -16.06 -18.68
CA TYR A 588 -8.11 -15.27 -19.23
C TYR A 588 -7.17 -16.14 -20.06
N PHE A 589 -6.72 -17.26 -19.50
CA PHE A 589 -5.80 -18.17 -20.16
C PHE A 589 -6.50 -19.23 -20.99
N GLU A 590 -7.76 -19.00 -21.36
CA GLU A 590 -8.53 -19.93 -22.18
C GLU A 590 -8.03 -20.04 -23.63
N PRO A 591 -7.56 -18.98 -24.32
CA PRO A 591 -6.89 -19.22 -25.60
C PRO A 591 -5.56 -19.95 -25.50
N LEU A 592 -4.91 -19.93 -24.34
CA LEU A 592 -3.68 -20.71 -24.18
C LEU A 592 -3.98 -22.15 -23.78
N PHE A 593 -4.93 -22.34 -22.87
CA PHE A 593 -5.28 -23.68 -22.41
C PHE A 593 -5.94 -24.51 -23.51
N THR A 594 -6.58 -23.85 -24.48
CA THR A 594 -7.04 -24.55 -25.67
C THR A 594 -5.87 -25.01 -26.52
N TRP A 595 -4.85 -24.16 -26.67
CA TRP A 595 -3.67 -24.51 -27.45
C TRP A 595 -2.79 -25.51 -26.71
N LEU A 596 -2.73 -25.40 -25.37
CA LEU A 596 -1.87 -26.29 -24.60
C LEU A 596 -2.38 -27.72 -24.59
N LYS A 597 -3.69 -27.92 -24.71
CA LYS A 597 -4.21 -29.27 -24.84
C LYS A 597 -3.87 -29.88 -26.19
N ASP A 598 -3.87 -29.05 -27.25
CA ASP A 598 -3.57 -29.55 -28.58
C ASP A 598 -2.09 -29.79 -28.81
N GLN A 599 -1.22 -29.13 -28.03
CA GLN A 599 0.20 -29.42 -28.07
C GLN A 599 0.59 -30.60 -27.20
N ASN A 600 -0.33 -31.11 -26.38
CA ASN A 600 -0.05 -32.17 -25.42
C ASN A 600 -0.84 -33.44 -25.74
N LYS A 601 -0.87 -33.84 -27.01
CA LYS A 601 -1.43 -35.14 -27.36
C LYS A 601 -0.43 -36.26 -27.19
N ASN A 602 0.87 -35.98 -27.37
CA ASN A 602 1.90 -37.00 -27.34
C ASN A 602 2.70 -37.02 -26.04
N SER A 603 2.51 -36.03 -25.18
CA SER A 603 3.26 -35.93 -23.93
C SER A 603 2.51 -36.67 -22.82
N PHE A 604 3.03 -36.55 -21.61
CA PHE A 604 2.47 -37.21 -20.44
C PHE A 604 1.92 -36.13 -19.50
N VAL A 605 0.64 -35.83 -19.66
CA VAL A 605 -0.02 -34.86 -18.79
C VAL A 605 -0.19 -35.49 -17.41
N GLY A 606 0.49 -34.93 -16.42
CA GLY A 606 0.53 -35.49 -15.09
C GLY A 606 1.91 -36.06 -14.77
N TRP A 607 2.17 -36.19 -13.48
CA TRP A 607 3.48 -36.61 -13.00
C TRP A 607 3.34 -37.82 -12.07
N SER A 608 4.47 -38.49 -11.87
CA SER A 608 4.55 -39.64 -10.98
C SER A 608 5.58 -39.37 -9.90
N THR A 609 5.22 -39.65 -8.65
CA THR A 609 6.07 -39.33 -7.51
C THR A 609 7.27 -40.27 -7.38
N ASP A 610 7.25 -41.42 -8.05
CA ASP A 610 8.28 -42.43 -7.85
C ASP A 610 9.60 -42.09 -8.54
N TRP A 611 9.60 -41.16 -9.49
CA TRP A 611 10.82 -40.85 -10.22
C TRP A 611 11.75 -39.98 -9.37
N SER A 612 13.05 -40.18 -9.57
CA SER A 612 14.08 -39.40 -8.90
C SER A 612 15.32 -39.44 -9.76
N PRO A 613 16.10 -38.35 -9.85
CA PRO A 613 17.34 -38.40 -10.65
C PRO A 613 18.44 -39.20 -9.99
N TYR A 614 18.40 -39.39 -8.67
CA TYR A 614 19.36 -40.22 -7.96
C TYR A 614 18.78 -41.59 -7.60
N ALA A 615 17.75 -42.04 -8.31
CA ALA A 615 17.15 -43.34 -8.07
C ALA A 615 17.95 -44.40 -8.83
N ASP A 616 19.11 -44.73 -8.27
CA ASP A 616 20.00 -45.69 -8.90
C ASP A 616 20.35 -46.83 -7.94
N THR B 1 -7.76 62.11 3.92
CA THR B 1 -8.50 61.00 4.46
C THR B 1 -7.64 59.73 4.39
N ASN B 2 -7.83 58.82 5.34
CA ASN B 2 -6.94 57.67 5.50
C ASN B 2 -7.55 56.43 4.88
N LEU B 3 -6.72 55.42 4.72
CA LEU B 3 -7.13 54.12 4.24
C LEU B 3 -7.31 53.18 5.43
N CYS B 4 -7.94 52.05 5.17
CA CYS B 4 -8.12 51.09 6.26
C CYS B 4 -6.87 50.24 6.42
N PRO B 5 -6.44 50.00 7.65
CA PRO B 5 -5.27 49.15 7.85
C PRO B 5 -5.57 47.69 7.56
N PHE B 6 -5.66 47.33 6.29
CA PHE B 6 -5.70 45.94 5.87
C PHE B 6 -4.31 45.35 5.71
N GLY B 7 -3.27 46.17 5.82
CA GLY B 7 -1.90 45.72 5.81
C GLY B 7 -1.39 45.18 7.13
N GLU B 8 -2.24 45.15 8.15
CA GLU B 8 -1.93 44.53 9.42
C GLU B 8 -2.72 43.25 9.66
N VAL B 9 -3.77 43.02 8.88
CA VAL B 9 -4.60 41.83 9.01
C VAL B 9 -4.21 40.77 7.99
N PHE B 10 -3.81 41.18 6.79
CA PHE B 10 -3.49 40.25 5.71
C PHE B 10 -2.00 39.98 5.58
N ASN B 11 -1.16 41.00 5.77
CA ASN B 11 0.29 40.86 5.68
C ASN B 11 0.93 40.86 7.05
N ALA B 12 0.29 40.26 8.04
CA ALA B 12 0.91 40.14 9.36
C ALA B 12 1.96 39.06 9.33
N THR B 13 3.06 39.29 10.05
CA THR B 13 4.20 38.37 9.99
C THR B 13 3.93 37.09 10.76
N ARG B 14 3.04 37.13 11.74
CA ARG B 14 2.71 35.96 12.54
C ARG B 14 1.22 36.00 12.85
N PHE B 15 0.47 35.05 12.30
CA PHE B 15 -0.96 34.96 12.51
C PHE B 15 -1.25 34.29 13.86
N ALA B 16 -2.50 33.93 14.07
CA ALA B 16 -2.93 33.25 15.27
C ALA B 16 -3.48 31.88 14.92
N SER B 17 -3.66 31.06 15.95
CA SER B 17 -4.25 29.74 15.80
C SER B 17 -5.75 29.81 16.01
N VAL B 18 -6.46 28.79 15.52
CA VAL B 18 -7.91 28.89 15.39
C VAL B 18 -8.62 28.77 16.74
N TYR B 19 -7.97 28.23 17.78
CA TYR B 19 -8.62 28.23 19.08
C TYR B 19 -8.64 29.61 19.70
N ALA B 20 -7.64 30.44 19.39
CA ALA B 20 -7.46 31.77 19.95
C ALA B 20 -7.33 32.80 18.84
N TRP B 21 -8.30 32.77 17.92
CA TRP B 21 -8.29 33.65 16.75
C TRP B 21 -8.39 35.10 17.16
N ASN B 22 -7.63 35.95 16.46
CA ASN B 22 -7.63 37.38 16.74
C ASN B 22 -8.88 38.05 16.17
N ARG B 23 -9.09 39.29 16.57
CA ARG B 23 -10.22 40.07 16.07
C ARG B 23 -9.85 41.54 16.12
N LYS B 24 -9.98 42.23 15.00
CA LYS B 24 -9.61 43.64 14.88
C LYS B 24 -10.81 44.44 14.44
N ARG B 25 -11.27 45.34 15.30
CA ARG B 25 -12.41 46.20 15.00
C ARG B 25 -11.94 47.27 14.04
N ILE B 26 -12.23 47.10 12.76
CA ILE B 26 -11.87 48.07 11.73
C ILE B 26 -13.03 49.04 11.57
N SER B 27 -12.78 50.32 11.86
CA SER B 27 -13.81 51.33 11.76
C SER B 27 -13.19 52.67 11.40
N ASN B 28 -14.01 53.52 10.79
CA ASN B 28 -13.68 54.91 10.43
C ASN B 28 -12.47 54.99 9.50
N CYS B 29 -12.59 54.34 8.35
CA CYS B 29 -11.59 54.42 7.30
C CYS B 29 -12.18 53.98 5.98
N VAL B 30 -11.54 54.41 4.89
CA VAL B 30 -12.05 54.21 3.53
C VAL B 30 -11.51 52.87 3.04
N ALA B 31 -12.29 51.82 3.23
CA ALA B 31 -11.84 50.47 2.92
C ALA B 31 -11.89 50.21 1.42
N ASP B 32 -10.80 49.70 0.89
CA ASP B 32 -10.70 49.37 -0.54
C ASP B 32 -10.70 47.85 -0.69
N TYR B 33 -11.85 47.29 -1.05
CA TYR B 33 -11.98 45.87 -1.31
C TYR B 33 -11.76 45.51 -2.76
N SER B 34 -11.59 46.50 -3.65
CA SER B 34 -11.45 46.20 -5.07
C SER B 34 -10.07 45.65 -5.40
N VAL B 35 -9.07 45.95 -4.56
CA VAL B 35 -7.74 45.36 -4.75
C VAL B 35 -7.63 43.97 -4.14
N LEU B 36 -8.69 43.49 -3.48
CA LEU B 36 -8.69 42.14 -2.94
C LEU B 36 -9.15 41.10 -3.97
N TYR B 37 -10.04 41.48 -4.89
CA TYR B 37 -10.38 40.57 -5.99
C TYR B 37 -9.23 40.46 -6.98
N ASN B 38 -8.57 41.57 -7.27
CA ASN B 38 -7.53 41.62 -8.28
C ASN B 38 -6.16 41.20 -7.78
N SER B 39 -6.06 40.70 -6.54
CA SER B 39 -4.76 40.26 -6.05
C SER B 39 -4.36 38.92 -6.64
N ALA B 40 -5.34 38.04 -6.90
CA ALA B 40 -5.16 36.72 -7.52
C ALA B 40 -4.23 35.81 -6.73
N SER B 41 -4.14 36.02 -5.42
CA SER B 41 -3.33 35.20 -4.55
C SER B 41 -4.14 34.51 -3.47
N PHE B 42 -5.44 34.79 -3.38
CA PHE B 42 -6.31 34.17 -2.40
C PHE B 42 -6.92 32.93 -3.02
N SER B 43 -6.74 31.77 -2.37
CA SER B 43 -7.27 30.53 -2.91
C SER B 43 -8.78 30.43 -2.78
N THR B 44 -9.38 31.17 -1.85
CA THR B 44 -10.82 31.12 -1.64
C THR B 44 -11.29 32.52 -1.24
N PHE B 45 -12.23 33.06 -2.00
CA PHE B 45 -12.82 34.37 -1.73
C PHE B 45 -14.33 34.18 -1.86
N LYS B 46 -15.00 33.83 -0.78
CA LYS B 46 -16.44 33.62 -0.77
C LYS B 46 -17.10 34.71 0.05
N CYS B 47 -18.05 35.41 -0.55
CA CYS B 47 -18.78 36.48 0.11
C CYS B 47 -20.22 36.03 0.33
N TYR B 48 -20.62 35.96 1.60
CA TYR B 48 -21.98 35.56 1.97
C TYR B 48 -22.77 36.81 2.33
N GLY B 49 -23.99 36.89 1.83
CA GLY B 49 -24.85 38.03 2.12
C GLY B 49 -24.64 39.25 1.26
N VAL B 50 -23.38 39.64 1.06
CA VAL B 50 -23.04 40.76 0.22
C VAL B 50 -22.50 40.24 -1.11
N SER B 51 -22.36 41.14 -2.06
CA SER B 51 -21.81 40.84 -3.37
C SER B 51 -20.42 41.46 -3.51
N PRO B 52 -19.58 40.91 -4.39
CA PRO B 52 -18.30 41.59 -4.68
C PRO B 52 -18.46 42.90 -5.44
N THR B 53 -19.60 43.13 -6.08
CA THR B 53 -19.87 44.39 -6.73
C THR B 53 -20.50 45.41 -5.78
N LYS B 54 -21.34 44.95 -4.86
CA LYS B 54 -22.00 45.80 -3.87
C LYS B 54 -21.10 46.19 -2.71
N LEU B 55 -19.85 45.73 -2.69
CA LEU B 55 -18.97 46.02 -1.56
C LEU B 55 -18.36 47.41 -1.60
N ASN B 56 -18.49 48.13 -2.71
CA ASN B 56 -18.01 49.50 -2.81
C ASN B 56 -19.14 50.52 -2.92
N ASP B 57 -20.39 50.07 -2.91
CA ASP B 57 -21.53 50.97 -2.92
C ASP B 57 -22.21 51.09 -1.57
N LEU B 58 -21.90 50.21 -0.62
CA LEU B 58 -22.57 50.19 0.67
C LEU B 58 -21.57 50.45 1.79
N CYS B 59 -22.03 51.14 2.82
CA CYS B 59 -21.20 51.53 3.96
C CYS B 59 -21.69 50.82 5.21
N PHE B 60 -20.76 50.27 5.98
CA PHE B 60 -21.05 49.44 7.13
C PHE B 60 -20.52 50.11 8.40
N THR B 61 -21.16 49.79 9.52
CA THR B 61 -20.79 50.40 10.79
C THR B 61 -19.51 49.79 11.35
N ASN B 62 -19.50 48.46 11.50
CA ASN B 62 -18.37 47.75 12.07
C ASN B 62 -17.96 46.65 11.11
N VAL B 63 -16.66 46.54 10.85
CA VAL B 63 -16.09 45.50 10.01
C VAL B 63 -15.09 44.76 10.88
N TYR B 64 -15.47 43.58 11.36
CA TYR B 64 -14.59 42.79 12.22
C TYR B 64 -13.79 41.81 11.36
N ALA B 65 -12.49 41.76 11.59
CA ALA B 65 -11.59 40.93 10.78
C ALA B 65 -10.96 39.87 11.67
N ASP B 66 -11.46 38.64 11.58
CA ASP B 66 -10.97 37.52 12.39
C ASP B 66 -9.97 36.71 11.58
N SER B 67 -8.75 36.58 12.10
CA SER B 67 -7.67 35.91 11.39
C SER B 67 -7.19 34.69 12.17
N PHE B 68 -7.00 33.58 11.46
CA PHE B 68 -6.47 32.35 12.06
C PHE B 68 -5.84 31.50 10.96
N VAL B 69 -5.18 30.43 11.39
CA VAL B 69 -4.52 29.49 10.49
C VAL B 69 -5.14 28.12 10.69
N ILE B 70 -5.66 27.53 9.62
CA ILE B 70 -6.27 26.22 9.66
C ILE B 70 -5.62 25.34 8.60
N ARG B 71 -6.15 24.13 8.45
CA ARG B 71 -5.63 23.16 7.52
C ARG B 71 -6.15 23.46 6.12
N GLY B 72 -5.90 22.55 5.19
CA GLY B 72 -6.34 22.73 3.82
C GLY B 72 -7.79 22.35 3.60
N ASP B 73 -8.19 21.19 4.10
CA ASP B 73 -9.55 20.71 3.94
C ASP B 73 -10.49 21.16 5.04
N GLU B 74 -10.04 22.09 5.89
CA GLU B 74 -10.89 22.69 6.91
C GLU B 74 -11.26 24.14 6.59
N VAL B 75 -10.90 24.61 5.39
CA VAL B 75 -11.36 25.94 4.96
C VAL B 75 -12.85 25.89 4.65
N ARG B 76 -13.33 24.75 4.15
CA ARG B 76 -14.76 24.58 3.87
C ARG B 76 -15.62 24.60 5.13
N GLN B 77 -15.03 24.35 6.30
CA GLN B 77 -15.76 24.44 7.55
C GLN B 77 -15.96 25.88 8.00
N ILE B 78 -15.21 26.83 7.45
CA ILE B 78 -15.41 28.24 7.75
C ILE B 78 -16.45 28.73 6.75
N ALA B 79 -17.72 28.50 7.10
CA ALA B 79 -18.86 28.82 6.25
C ALA B 79 -20.10 28.78 7.12
N PRO B 80 -21.12 29.60 6.82
CA PRO B 80 -22.35 29.55 7.64
C PRO B 80 -23.12 28.26 7.48
N GLY B 81 -23.15 27.45 8.53
CA GLY B 81 -23.87 26.21 8.53
C GLY B 81 -23.04 24.97 8.28
N GLN B 82 -21.80 24.93 8.75
CA GLN B 82 -20.94 23.77 8.62
C GLN B 82 -20.62 23.19 9.98
N THR B 83 -20.14 21.95 9.97
CA THR B 83 -19.80 21.23 11.20
C THR B 83 -18.45 20.54 11.03
N GLY B 84 -17.80 20.28 12.16
CA GLY B 84 -16.53 19.58 12.13
C GLY B 84 -15.79 19.77 13.44
N LYS B 85 -14.46 19.78 13.33
CA LYS B 85 -13.60 20.05 14.48
C LYS B 85 -13.20 21.51 14.57
N ILE B 86 -13.57 22.33 13.59
CA ILE B 86 -13.30 23.76 13.61
C ILE B 86 -14.58 24.57 13.74
N ALA B 87 -15.61 24.22 12.98
CA ALA B 87 -16.85 24.98 12.99
C ALA B 87 -17.72 24.70 14.21
N ASP B 88 -17.37 23.73 15.05
CA ASP B 88 -18.10 23.52 16.29
C ASP B 88 -17.30 23.81 17.54
N TYR B 89 -15.99 23.62 17.52
CA TYR B 89 -15.19 23.77 18.72
C TYR B 89 -14.23 24.94 18.70
N ASN B 90 -13.95 25.50 17.53
CA ASN B 90 -12.95 26.57 17.44
C ASN B 90 -13.55 27.90 16.96
N TYR B 91 -14.16 27.93 15.78
CA TYR B 91 -14.61 29.20 15.21
C TYR B 91 -15.90 28.95 14.45
N LYS B 92 -17.03 29.28 15.07
CA LYS B 92 -18.33 29.04 14.46
C LYS B 92 -18.90 30.35 13.93
N LEU B 93 -19.22 30.37 12.64
CA LEU B 93 -19.90 31.45 11.94
C LEU B 93 -21.42 31.28 12.08
N PRO B 94 -22.15 32.36 12.29
CA PRO B 94 -23.61 32.25 12.46
C PRO B 94 -24.29 31.90 11.15
N ASP B 95 -25.52 31.40 11.27
CA ASP B 95 -26.25 30.92 10.10
C ASP B 95 -26.70 32.04 9.18
N ASP B 96 -26.87 33.25 9.71
CA ASP B 96 -27.26 34.41 8.92
C ASP B 96 -26.08 35.33 8.65
N PHE B 97 -24.93 34.73 8.33
CA PHE B 97 -23.68 35.47 8.14
C PHE B 97 -23.79 36.45 6.98
N THR B 98 -23.17 37.61 7.14
CA THR B 98 -23.25 38.70 6.19
C THR B 98 -21.86 39.30 5.94
N GLY B 99 -20.88 38.43 5.71
CA GLY B 99 -19.53 38.88 5.46
C GLY B 99 -18.81 38.08 4.40
N CYS B 100 -17.50 38.31 4.25
CA CYS B 100 -16.69 37.60 3.27
C CYS B 100 -15.58 36.85 3.98
N VAL B 101 -15.12 35.76 3.36
CA VAL B 101 -14.12 34.87 3.93
C VAL B 101 -12.94 34.79 2.98
N ILE B 102 -11.76 35.13 3.46
CA ILE B 102 -10.54 35.05 2.68
C ILE B 102 -9.81 33.78 3.09
N ALA B 103 -9.08 33.18 2.16
CA ALA B 103 -8.27 32.00 2.46
C ALA B 103 -7.18 31.86 1.41
N TRP B 104 -5.94 31.69 1.86
CA TRP B 104 -4.84 31.51 0.92
C TRP B 104 -3.76 30.64 1.53
N ASN B 105 -3.02 29.96 0.68
CA ASN B 105 -1.98 29.04 1.13
C ASN B 105 -0.80 29.82 1.71
N SER B 106 -0.21 29.28 2.76
CA SER B 106 0.93 29.91 3.42
C SER B 106 1.97 28.86 3.81
N ASN B 107 2.26 27.95 2.88
CA ASN B 107 3.20 26.86 3.16
C ASN B 107 4.63 27.36 3.30
N ASN B 108 4.98 28.48 2.65
CA ASN B 108 6.33 29.01 2.70
C ASN B 108 6.51 30.08 3.77
N LEU B 109 5.55 30.23 4.68
CA LEU B 109 5.74 31.03 5.88
C LEU B 109 5.34 30.33 7.17
N ASP B 110 4.49 29.30 7.10
CA ASP B 110 3.95 28.67 8.29
C ASP B 110 4.36 27.22 8.44
N SER B 111 5.31 26.74 7.63
CA SER B 111 5.77 25.37 7.68
C SER B 111 7.28 25.33 7.67
N LYS B 112 7.87 24.69 8.67
CA LYS B 112 9.30 24.48 8.74
C LYS B 112 9.58 22.99 8.70
N VAL B 113 10.81 22.64 8.33
CA VAL B 113 11.22 21.23 8.28
C VAL B 113 11.33 20.69 9.70
N GLY B 114 10.71 19.54 9.93
CA GLY B 114 10.62 18.96 11.26
C GLY B 114 9.33 19.26 11.98
N GLY B 115 8.60 20.29 11.57
CA GLY B 115 7.30 20.57 12.18
C GLY B 115 7.23 21.98 12.73
N ASN B 116 6.12 22.65 12.47
CA ASN B 116 5.80 23.94 13.05
C ASN B 116 4.60 23.73 13.97
N TYR B 117 4.88 23.48 15.25
CA TYR B 117 3.88 23.09 16.22
C TYR B 117 3.40 24.27 17.06
N ASN B 118 3.31 25.47 16.48
CA ASN B 118 2.84 26.64 17.20
C ASN B 118 1.34 26.86 17.03
N TYR B 119 0.72 26.24 16.03
CA TYR B 119 -0.70 26.40 15.75
C TYR B 119 -1.46 25.23 16.33
N ARG B 120 -2.51 25.52 17.10
CA ARG B 120 -3.26 24.49 17.82
C ARG B 120 -4.75 24.66 17.50
N TYR B 121 -5.56 23.74 18.02
CA TYR B 121 -7.00 23.79 17.80
C TYR B 121 -7.70 22.98 18.89
N ARG B 122 -8.94 23.35 19.17
CA ARG B 122 -9.75 22.59 20.13
C ARG B 122 -10.14 21.26 19.51
N LEU B 123 -9.73 20.17 20.15
CA LEU B 123 -10.17 18.86 19.71
C LEU B 123 -11.33 18.31 20.53
N PHE B 124 -11.42 18.68 21.80
CA PHE B 124 -12.45 18.15 22.70
C PHE B 124 -13.02 19.30 23.51
N ARG B 125 -14.29 19.59 23.33
CA ARG B 125 -14.99 20.60 24.11
C ARG B 125 -16.30 20.00 24.62
N LYS B 126 -16.60 20.26 25.89
CA LYS B 126 -17.73 19.62 26.56
C LYS B 126 -19.08 20.05 26.00
N SER B 127 -19.15 21.15 25.27
CA SER B 127 -20.37 21.58 24.61
C SER B 127 -20.00 22.04 23.20
N ASN B 128 -20.93 22.71 22.54
CA ASN B 128 -20.67 23.33 21.25
C ASN B 128 -20.52 24.84 21.45
N LEU B 129 -20.00 25.52 20.44
CA LEU B 129 -19.82 26.95 20.53
C LEU B 129 -21.04 27.71 20.04
N LYS B 130 -21.38 28.78 20.74
CA LYS B 130 -22.25 29.80 20.20
C LYS B 130 -21.52 30.52 19.07
N PRO B 131 -22.25 31.14 18.13
CA PRO B 131 -21.59 31.86 17.04
C PRO B 131 -20.79 33.06 17.53
N PHE B 132 -19.56 33.16 17.02
CA PHE B 132 -18.58 34.20 17.37
C PHE B 132 -18.27 34.21 18.86
N GLU B 133 -18.00 33.02 19.41
CA GLU B 133 -17.57 32.88 20.80
C GLU B 133 -16.19 32.27 20.82
N ARG B 134 -15.26 32.95 21.48
CA ARG B 134 -13.90 32.46 21.67
C ARG B 134 -13.68 32.23 23.15
N ASP B 135 -13.22 31.04 23.51
CA ASP B 135 -12.88 30.72 24.90
C ASP B 135 -11.56 29.97 24.90
N ILE B 136 -10.49 30.66 25.30
CA ILE B 136 -9.20 30.02 25.55
C ILE B 136 -9.31 29.28 26.87
N SER B 137 -9.20 27.96 26.84
CA SER B 137 -9.26 27.17 28.05
C SER B 137 -8.34 25.97 27.92
N THR B 138 -7.58 25.71 28.98
CA THR B 138 -6.68 24.57 29.06
C THR B 138 -7.20 23.51 30.02
N GLU B 139 -8.52 23.37 30.12
CA GLU B 139 -9.11 22.42 31.07
C GLU B 139 -9.12 21.03 30.49
N ILE B 140 -8.79 20.04 31.32
CA ILE B 140 -8.73 18.65 30.90
C ILE B 140 -10.15 18.16 30.64
N TYR B 141 -10.40 17.67 29.43
CA TYR B 141 -11.74 17.28 28.99
C TYR B 141 -12.16 15.99 29.67
N GLN B 142 -13.10 16.07 30.62
CA GLN B 142 -13.57 14.89 31.34
C GLN B 142 -14.53 14.13 30.43
N ALA B 143 -14.03 13.07 29.80
CA ALA B 143 -14.83 12.28 28.88
C ALA B 143 -15.60 11.16 29.58
N GLY B 144 -15.57 11.10 30.90
CA GLY B 144 -16.30 10.07 31.63
C GLY B 144 -16.93 10.59 32.91
N SER B 145 -16.89 9.78 33.96
CA SER B 145 -17.43 10.18 35.27
C SER B 145 -16.51 9.69 36.38
N LYS B 146 -15.20 9.89 36.22
CA LYS B 146 -14.25 9.24 37.11
C LYS B 146 -14.14 9.96 38.47
N PRO B 147 -13.84 11.29 38.55
CA PRO B 147 -13.43 12.39 37.67
C PRO B 147 -11.90 12.47 37.62
N CYS B 148 -11.36 13.55 37.07
CA CYS B 148 -9.91 13.72 36.98
C CYS B 148 -9.53 15.12 37.44
N ASN B 149 -8.64 15.19 38.44
CA ASN B 149 -8.24 16.46 39.02
C ASN B 149 -6.98 17.01 38.32
N GLY B 150 -7.13 17.24 37.02
CA GLY B 150 -6.08 17.83 36.22
C GLY B 150 -5.11 16.85 35.59
N VAL B 151 -4.95 15.66 36.16
CA VAL B 151 -3.98 14.69 35.67
C VAL B 151 -4.52 14.08 34.38
N GLU B 152 -3.87 14.38 33.25
CA GLU B 152 -4.26 13.87 31.94
C GLU B 152 -3.97 12.38 31.89
N GLY B 153 -5.01 11.57 32.03
CA GLY B 153 -4.84 10.13 32.07
C GLY B 153 -5.83 9.34 31.23
N PHE B 154 -6.51 8.40 31.86
CA PHE B 154 -7.47 7.54 31.18
C PHE B 154 -8.79 8.28 31.02
N ASN B 155 -9.17 8.55 29.76
CA ASN B 155 -10.41 9.23 29.38
C ASN B 155 -10.51 10.62 29.99
N CYS B 156 -9.38 11.33 30.04
CA CYS B 156 -9.30 12.76 30.38
C CYS B 156 -8.18 13.34 29.53
N TYR B 157 -8.54 13.92 28.39
CA TYR B 157 -7.57 14.33 27.39
C TYR B 157 -7.37 15.83 27.39
N PHE B 158 -6.16 16.24 27.00
CA PHE B 158 -5.90 17.66 26.78
C PHE B 158 -6.63 18.10 25.51
N PRO B 159 -7.31 19.22 25.53
CA PRO B 159 -8.13 19.60 24.37
C PRO B 159 -7.35 20.24 23.25
N LEU B 160 -6.27 20.95 23.57
CA LEU B 160 -5.49 21.68 22.57
C LEU B 160 -4.49 20.73 21.93
N GLN B 161 -4.83 20.18 20.77
CA GLN B 161 -3.90 19.40 20.00
C GLN B 161 -3.26 20.27 18.92
N SER B 162 -1.99 20.03 18.65
CA SER B 162 -1.20 20.90 17.79
C SER B 162 -1.27 20.45 16.34
N TYR B 163 -0.95 21.38 15.43
CA TYR B 163 -0.94 21.12 14.01
C TYR B 163 0.45 20.68 13.58
N GLY B 164 0.53 19.61 12.81
CA GLY B 164 1.81 19.14 12.30
C GLY B 164 2.16 19.72 10.95
N PHE B 165 2.47 21.01 10.89
CA PHE B 165 2.71 21.68 9.62
C PHE B 165 4.14 21.40 9.17
N GLN B 166 4.29 20.88 7.95
CA GLN B 166 5.57 20.55 7.34
C GLN B 166 5.52 20.96 5.87
N PRO B 167 6.66 21.33 5.28
CA PRO B 167 6.64 21.82 3.89
C PRO B 167 6.39 20.75 2.85
N THR B 168 6.50 19.47 3.22
CA THR B 168 6.30 18.37 2.29
C THR B 168 4.91 17.76 2.41
N ASN B 169 3.99 18.43 3.08
CA ASN B 169 2.65 17.90 3.29
C ASN B 169 1.84 18.01 1.99
N GLY B 170 0.64 17.45 2.01
CA GLY B 170 -0.24 17.53 0.87
C GLY B 170 -0.90 18.89 0.76
N VAL B 171 -1.79 19.00 -0.24
CA VAL B 171 -2.54 20.24 -0.41
C VAL B 171 -3.57 20.39 0.71
N GLY B 172 -4.22 19.30 1.08
CA GLY B 172 -5.21 19.32 2.14
C GLY B 172 -4.67 19.35 3.55
N TYR B 173 -3.35 19.39 3.73
CA TYR B 173 -2.76 19.48 5.06
C TYR B 173 -1.85 20.68 5.22
N GLN B 174 -1.66 21.48 4.17
CA GLN B 174 -0.85 22.68 4.20
C GLN B 174 -1.61 23.82 4.88
N PRO B 175 -0.91 24.70 5.59
CA PRO B 175 -1.60 25.75 6.37
C PRO B 175 -2.18 26.83 5.48
N TYR B 176 -3.49 27.02 5.59
CA TYR B 176 -4.21 28.06 4.86
C TYR B 176 -4.57 29.16 5.85
N ARG B 177 -3.89 30.30 5.74
CA ARG B 177 -4.26 31.47 6.52
C ARG B 177 -5.61 31.97 6.08
N VAL B 178 -6.50 32.25 7.04
CA VAL B 178 -7.88 32.60 6.76
C VAL B 178 -8.20 33.90 7.49
N VAL B 179 -8.75 34.87 6.76
CA VAL B 179 -9.25 36.11 7.33
C VAL B 179 -10.75 36.17 7.07
N VAL B 180 -11.54 36.40 8.10
CA VAL B 180 -12.99 36.40 7.99
C VAL B 180 -13.47 37.81 8.30
N LEU B 181 -13.86 38.56 7.28
CA LEU B 181 -14.46 39.86 7.46
C LEU B 181 -15.94 39.69 7.75
N SER B 182 -16.42 40.29 8.84
CA SER B 182 -17.81 40.16 9.27
C SER B 182 -18.44 41.54 9.33
N PHE B 183 -19.04 41.96 8.22
CA PHE B 183 -19.73 43.24 8.18
C PHE B 183 -21.01 43.18 8.99
N GLU B 184 -21.43 44.35 9.49
CA GLU B 184 -22.68 44.45 10.24
C GLU B 184 -23.15 45.90 10.18
N LEU B 185 -24.45 46.09 10.35
CA LEU B 185 -25.04 47.42 10.47
C LEU B 185 -25.69 47.54 11.83
N LEU B 186 -25.28 48.56 12.58
CA LEU B 186 -25.79 48.81 13.92
C LEU B 186 -26.47 50.17 13.94
N HIS B 187 -26.83 50.63 15.14
CA HIS B 187 -27.48 51.92 15.32
C HIS B 187 -26.51 53.04 15.68
N ALA B 188 -25.33 53.03 15.08
CA ALA B 188 -24.32 54.07 15.12
C ALA B 188 -24.05 54.57 13.71
N PRO B 189 -23.43 55.73 13.55
CA PRO B 189 -23.05 56.19 12.20
C PRO B 189 -21.96 55.34 11.57
N ALA B 190 -21.98 55.28 10.24
CA ALA B 190 -21.19 54.34 9.46
C ALA B 190 -20.41 55.07 8.37
N THR B 191 -19.10 54.83 8.32
CA THR B 191 -18.24 55.53 7.37
C THR B 191 -17.17 54.61 6.77
N VAL B 192 -17.46 53.33 6.60
CA VAL B 192 -16.51 52.39 6.02
C VAL B 192 -17.06 51.98 4.65
N CYS B 193 -16.67 52.71 3.61
CA CYS B 193 -17.01 52.34 2.24
C CYS B 193 -16.06 52.99 1.28
N GLY B 194 -15.80 52.30 0.17
CA GLY B 194 -14.79 52.72 -0.79
C GLY B 194 -15.18 53.83 -1.75
#